data_8FTU
#
_entry.id   8FTU
#
_cell.length_a   240.790
_cell.length_b   87.846
_cell.length_c   161.431
_cell.angle_alpha   90.00
_cell.angle_beta   107.61
_cell.angle_gamma   90.00
#
_symmetry.space_group_name_H-M   'C 1 2 1'
#
loop_
_entity.id
_entity.type
_entity.pdbx_description
1 polymer 'Protein transport protein SEC39'
2 polymer 'Vesicle transport protein USE1'
3 polymer 'Protein transport protein DSL1'
#
loop_
_entity_poly.entity_id
_entity_poly.type
_entity_poly.pdbx_seq_one_letter_code
_entity_poly.pdbx_strand_id
1 'polypeptide(L)'
;MKHHHHHHHGAAGTSLYKKAGLVPRGSMNPQLYLCASVFITRGDVKSVSEIYQGLQSDAERLQYLKLLCVMWPELDAPTN
ISFVLKDIELNGMDESSVLVSLIQEDSSLTAISEMDVNTISKRVNALASYVEETLIGFNIHIRETHMLEDFIRARTLVVN
SLSKDALCSLELLANSTSKSLVSWLDGILKPLDHLNRRLDTKLSIFQFENLSAQDAVSEMWKLPVKEVSVVRSMMKYEVE
PYLKFQGSYTPFYEVIFNPDNFPLDSINNFQIYKYLSSQPTPLDTKFNETKWNILYSNGKNLASIPLPNLVFELESLIKS
FGDDSQIFSGISLNEWLVNLKFMNAMDIKDLKSLKKLQNEDSVVQTSYFSIITQNMFQGHIDIKTVQNVVEFIESSTLFD
KLTNELQTSILLESLLKLGKFDILEQFVSTSGVKIQDKVIIQHFWRFFNIASNGSLSDPDMKNANRTLNLLSNKETHSNL
YDILTIVDRLSHYSLSFKRGMPFKPAHISEFKANPMEIVEKLLDLNPKLRKNIEVTFDILKELYTALQVTPSDKDFTKEY
SKLLSEHINNLLANGDFKFAFDQAINLIERPDAAEHWVTIFQVGKYIDPNWLDAEIPTEIIYLQLGIVSKLLHICPEKEY
EVITSQWSGLELELSTRNLISDKYSLENTQRSNDNFMSDVSTNVGNFLSGKFQWNIGGA
;
A
2 'polypeptide(L)'
;MGSMTTDLDTLSDQLRKNYYRDLSLFQDDEDPFYHYLISTKLATNLNTVRKLAIKDNLDDPSSDAIDRYQKNFSRLEESV
SSISFSKASKLQQKYDAYQESQKKRRYSVDFDA
;
B
3 'polypeptide(L)'
;MGSENIYTTLKFESMMQQRVIQIRSIPEEEYHELVSVQGDGDGPIQVSVFVQSAAKVFTEFEQGCDTIGRSKVESIYLYK
FNLLQTAFFAMVSEKVNDWTQLYKDVRYLYTENPKLLQLMELNSRRLDLNLNLIKKTIYKLVNDQLQELKDNERTPDWDI
TISSLLPYLKKTALPTLYKLEDNTILVALIRYIVHDLVIDNILHWRVISEKSSENLSEFIMLLLSGLEIPRLNLIETYRH
SREKLGILSKILTAHLKDILEMFYEGEFFLFETDEIVQWIILLFADTPTRRDCIDEIRRVREEATD
;
C
#
# COMPACT_ATOMS: atom_id res chain seq x y z
N MET A 28 -89.34 -52.09 13.82
CA MET A 28 -89.23 -53.24 14.71
C MET A 28 -90.44 -53.35 15.64
N ASN A 29 -90.74 -54.57 16.09
CA ASN A 29 -91.67 -54.77 17.20
C ASN A 29 -91.30 -53.86 18.39
N PRO A 30 -92.23 -53.02 18.91
CA PRO A 30 -91.98 -52.13 20.05
C PRO A 30 -91.38 -52.83 21.26
N GLN A 31 -91.85 -54.03 21.59
CA GLN A 31 -91.35 -54.81 22.72
C GLN A 31 -89.91 -55.29 22.46
N LEU A 32 -89.62 -55.73 21.24
CA LEU A 32 -88.26 -56.13 20.82
C LEU A 32 -87.30 -54.95 20.82
N TYR A 33 -87.73 -53.77 20.35
CA TYR A 33 -86.92 -52.55 20.36
C TYR A 33 -86.52 -52.14 21.79
N LEU A 34 -87.46 -52.21 22.75
CA LEU A 34 -87.17 -51.95 24.16
C LEU A 34 -86.23 -52.99 24.76
N CYS A 35 -86.47 -54.28 24.54
CA CYS A 35 -85.58 -55.35 24.99
C CYS A 35 -84.17 -55.20 24.40
N ALA A 36 -84.07 -54.93 23.10
CA ALA A 36 -82.80 -54.68 22.41
C ALA A 36 -82.01 -53.54 23.04
N SER A 37 -82.67 -52.43 23.38
CA SER A 37 -81.99 -51.28 24.01
C SER A 37 -81.33 -51.63 25.36
N VAL A 38 -81.91 -52.58 26.11
CA VAL A 38 -81.33 -53.07 27.37
C VAL A 38 -80.07 -53.89 27.09
N PHE A 39 -80.10 -54.81 26.13
CA PHE A 39 -78.92 -55.60 25.76
C PHE A 39 -77.80 -54.72 25.17
N ILE A 40 -78.16 -53.74 24.35
CA ILE A 40 -77.24 -52.75 23.78
C ILE A 40 -76.53 -51.96 24.89
N THR A 41 -77.27 -51.40 25.85
CA THR A 41 -76.67 -50.63 26.95
C THR A 41 -75.84 -51.48 27.92
N ARG A 42 -76.12 -52.78 28.01
CA ARG A 42 -75.32 -53.75 28.78
C ARG A 42 -74.06 -54.22 28.04
N GLY A 43 -73.89 -53.85 26.76
CA GLY A 43 -72.78 -54.34 25.92
C GLY A 43 -72.85 -55.86 25.69
N ASP A 44 -74.07 -56.43 25.67
CA ASP A 44 -74.25 -57.87 25.46
C ASP A 44 -74.09 -58.22 23.98
N VAL A 45 -72.85 -58.54 23.59
CA VAL A 45 -72.49 -58.87 22.20
C VAL A 45 -73.31 -60.03 21.64
N LYS A 46 -73.60 -61.06 22.45
CA LYS A 46 -74.32 -62.25 21.99
C LYS A 46 -75.76 -61.87 21.63
N SER A 47 -76.48 -61.32 22.60
CA SER A 47 -77.90 -60.98 22.43
C SER A 47 -78.09 -59.93 21.34
N VAL A 48 -77.21 -58.93 21.27
CA VAL A 48 -77.31 -57.86 20.25
C VAL A 48 -76.98 -58.37 18.85
N SER A 49 -76.01 -59.28 18.71
CA SER A 49 -75.70 -59.91 17.41
C SER A 49 -76.83 -60.85 16.97
N GLU A 50 -77.42 -61.62 17.87
CA GLU A 50 -78.55 -62.51 17.56
C GLU A 50 -79.80 -61.73 17.11
N ILE A 51 -80.13 -60.63 17.80
CA ILE A 51 -81.23 -59.76 17.40
C ILE A 51 -80.95 -59.17 16.01
N TYR A 52 -79.73 -58.68 15.75
CA TYR A 52 -79.38 -58.08 14.44
C TYR A 52 -79.52 -59.07 13.28
N GLN A 53 -79.05 -60.32 13.46
CA GLN A 53 -79.16 -61.37 12.44
C GLN A 53 -80.62 -61.83 12.21
N GLY A 54 -81.50 -61.62 13.19
CA GLY A 54 -82.93 -61.90 13.09
C GLY A 54 -83.76 -60.83 12.36
N LEU A 55 -83.21 -59.64 12.07
CA LEU A 55 -83.96 -58.55 11.43
C LEU A 55 -84.18 -58.81 9.93
N GLN A 56 -85.45 -58.77 9.51
CA GLN A 56 -85.86 -59.22 8.18
C GLN A 56 -85.91 -58.10 7.14
N SER A 57 -86.11 -56.85 7.56
CA SER A 57 -86.18 -55.69 6.67
C SER A 57 -85.06 -54.67 6.89
N ASP A 58 -84.70 -53.94 5.83
CA ASP A 58 -83.69 -52.88 5.91
C ASP A 58 -84.16 -51.70 6.77
N ALA A 59 -85.47 -51.44 6.83
CA ALA A 59 -86.05 -50.45 7.74
C ALA A 59 -85.86 -50.83 9.22
N GLU A 60 -86.06 -52.11 9.57
CA GLU A 60 -85.79 -52.62 10.92
C GLU A 60 -84.30 -52.51 11.26
N ARG A 61 -83.42 -52.90 10.32
CA ARG A 61 -81.96 -52.78 10.48
C ARG A 61 -81.52 -51.34 10.67
N LEU A 62 -82.08 -50.40 9.91
CA LEU A 62 -81.78 -48.97 10.04
C LEU A 62 -82.16 -48.46 11.44
N GLN A 63 -83.37 -48.78 11.89
CA GLN A 63 -83.84 -48.41 13.23
C GLN A 63 -82.94 -49.00 14.33
N TYR A 64 -82.53 -50.26 14.15
CA TYR A 64 -81.64 -50.95 15.08
C TYR A 64 -80.23 -50.36 15.09
N LEU A 65 -79.65 -50.04 13.93
CA LEU A 65 -78.31 -49.45 13.84
C LEU A 65 -78.26 -48.04 14.42
N LYS A 66 -79.32 -47.22 14.25
CA LYS A 66 -79.43 -45.94 14.96
C LYS A 66 -79.40 -46.13 16.48
N LEU A 67 -80.17 -47.08 16.99
CA LEU A 67 -80.20 -47.41 18.43
C LEU A 67 -78.82 -47.91 18.90
N LEU A 68 -78.20 -48.82 18.18
CA LEU A 68 -76.87 -49.37 18.47
C LEU A 68 -75.80 -48.27 18.48
N CYS A 69 -75.86 -47.36 17.50
CA CYS A 69 -74.90 -46.26 17.34
C CYS A 69 -74.83 -45.37 18.59
N VAL A 70 -75.99 -45.00 19.12
CA VAL A 70 -76.13 -44.07 20.26
C VAL A 70 -76.06 -44.79 21.60
N MET A 71 -76.66 -45.96 21.75
CA MET A 71 -76.85 -46.60 23.06
C MET A 71 -75.76 -47.62 23.42
N TRP A 72 -74.94 -48.11 22.47
CA TRP A 72 -73.82 -48.98 22.81
C TRP A 72 -72.79 -48.21 23.65
N PRO A 73 -72.27 -48.75 24.76
CA PRO A 73 -71.28 -48.08 25.60
C PRO A 73 -70.06 -47.62 24.79
N GLU A 74 -69.73 -46.33 24.86
CA GLU A 74 -68.68 -45.69 24.05
C GLU A 74 -67.29 -46.25 24.32
N LEU A 75 -67.04 -46.73 25.54
CA LEU A 75 -65.72 -47.19 25.97
C LEU A 75 -65.49 -48.68 25.70
N ASP A 76 -66.52 -49.41 25.26
CA ASP A 76 -66.38 -50.80 24.89
C ASP A 76 -65.56 -50.97 23.61
N ALA A 77 -64.92 -52.14 23.45
CA ALA A 77 -64.00 -52.39 22.34
C ALA A 77 -64.72 -52.27 20.98
N PRO A 78 -64.17 -51.53 20.00
CA PRO A 78 -64.83 -51.37 18.69
C PRO A 78 -65.10 -52.71 17.98
N THR A 79 -64.24 -53.70 18.19
CA THR A 79 -64.41 -55.08 17.67
C THR A 79 -65.68 -55.77 18.16
N ASN A 80 -66.26 -55.40 19.30
CA ASN A 80 -67.49 -56.02 19.83
C ASN A 80 -68.73 -55.72 18.99
N ILE A 81 -68.74 -54.61 18.24
CA ILE A 81 -69.83 -54.29 17.30
C ILE A 81 -69.48 -54.64 15.85
N SER A 82 -68.31 -55.25 15.60
CA SER A 82 -67.89 -55.62 14.24
C SER A 82 -68.81 -56.65 13.56
N PHE A 83 -69.70 -57.32 14.31
CA PHE A 83 -70.68 -58.24 13.75
C PHE A 83 -71.64 -57.56 12.76
N VAL A 84 -71.85 -56.24 12.86
CA VAL A 84 -72.69 -55.49 11.90
C VAL A 84 -72.07 -55.43 10.51
N LEU A 85 -70.75 -55.63 10.40
CA LEU A 85 -69.99 -55.62 9.15
C LEU A 85 -69.98 -56.99 8.46
N LYS A 86 -70.47 -58.04 9.13
CA LYS A 86 -70.57 -59.37 8.55
C LYS A 86 -71.85 -59.46 7.74
N ASP A 87 -71.80 -60.26 6.67
CA ASP A 87 -72.98 -60.57 5.89
C ASP A 87 -74.06 -61.19 6.78
N ILE A 88 -75.31 -60.82 6.51
CA ILE A 88 -76.45 -61.25 7.31
C ILE A 88 -76.90 -62.61 6.80
N GLU A 89 -76.82 -63.60 7.68
CA GLU A 89 -77.42 -64.91 7.44
C GLU A 89 -78.87 -64.84 7.87
N LEU A 90 -79.78 -64.77 6.89
CA LEU A 90 -81.21 -64.79 7.12
C LEU A 90 -81.63 -66.15 7.66
N ASN A 91 -81.53 -66.33 8.98
CA ASN A 91 -81.89 -67.58 9.65
C ASN A 91 -83.40 -67.81 9.75
N GLY A 92 -84.22 -66.87 9.29
CA GLY A 92 -85.66 -67.01 9.27
C GLY A 92 -86.31 -67.07 10.66
N MET A 93 -85.58 -66.68 11.73
CA MET A 93 -86.21 -66.47 13.01
C MET A 93 -87.16 -65.29 12.92
N ASP A 94 -88.38 -65.49 13.41
CA ASP A 94 -89.36 -64.42 13.52
C ASP A 94 -89.06 -63.58 14.77
N GLU A 95 -89.28 -62.27 14.68
CA GLU A 95 -89.13 -61.32 15.79
C GLU A 95 -89.84 -61.80 17.06
N SER A 96 -91.00 -62.44 16.91
CA SER A 96 -91.78 -62.94 18.04
C SER A 96 -91.08 -64.07 18.79
N SER A 97 -90.39 -64.96 18.07
CA SER A 97 -89.65 -66.09 18.65
C SER A 97 -88.40 -65.62 19.41
N VAL A 98 -87.67 -64.66 18.84
CA VAL A 98 -86.52 -64.02 19.49
C VAL A 98 -86.95 -63.24 20.73
N LEU A 99 -88.03 -62.46 20.65
CA LEU A 99 -88.57 -61.75 21.81
C LEU A 99 -88.93 -62.71 22.95
N VAL A 100 -89.59 -63.81 22.60
CA VAL A 100 -89.99 -64.88 23.52
C VAL A 100 -88.77 -65.46 24.23
N SER A 101 -87.70 -65.83 23.52
CA SER A 101 -86.51 -66.41 24.14
C SER A 101 -85.80 -65.43 25.08
N LEU A 102 -85.67 -64.16 24.67
CA LEU A 102 -85.01 -63.13 25.46
C LEU A 102 -85.72 -62.87 26.81
N ILE A 103 -87.05 -62.77 26.80
CA ILE A 103 -87.85 -62.59 28.03
C ILE A 103 -87.78 -63.84 28.93
N GLN A 104 -87.63 -65.02 28.34
CA GLN A 104 -87.47 -66.28 29.07
C GLN A 104 -86.15 -66.36 29.83
N GLU A 105 -85.07 -65.91 29.20
CA GLU A 105 -83.71 -65.94 29.75
C GLU A 105 -83.45 -64.81 30.75
N ASP A 106 -84.06 -63.64 30.54
CA ASP A 106 -83.93 -62.50 31.43
C ASP A 106 -85.28 -61.94 31.90
N SER A 107 -85.71 -62.40 33.08
CA SER A 107 -86.95 -61.95 33.72
C SER A 107 -87.03 -60.44 33.98
N SER A 108 -85.89 -59.72 34.03
CA SER A 108 -85.87 -58.25 34.21
C SER A 108 -86.50 -57.51 33.03
N LEU A 109 -86.56 -58.13 31.85
CA LEU A 109 -87.19 -57.57 30.66
C LEU A 109 -88.72 -57.55 30.74
N THR A 110 -89.32 -58.33 31.63
CA THR A 110 -90.79 -58.43 31.74
C THR A 110 -91.40 -57.09 32.13
N ALA A 111 -90.85 -56.41 33.14
CA ALA A 111 -91.32 -55.09 33.59
C ALA A 111 -91.11 -53.99 32.52
N ILE A 112 -90.23 -54.25 31.55
CA ILE A 112 -89.90 -53.34 30.46
C ILE A 112 -90.82 -53.54 29.26
N SER A 113 -91.14 -54.79 28.92
CA SER A 113 -91.80 -55.16 27.67
C SER A 113 -93.28 -55.53 27.82
N GLU A 114 -93.75 -55.93 29.01
CA GLU A 114 -95.14 -56.40 29.24
C GLU A 114 -96.01 -55.38 29.99
N MET A 115 -95.90 -54.12 29.60
CA MET A 115 -96.77 -53.05 30.08
C MET A 115 -97.97 -52.86 29.15
N ASP A 116 -98.87 -51.96 29.55
CA ASP A 116 -99.93 -51.49 28.67
C ASP A 116 -99.34 -50.81 27.42
N VAL A 117 -100.14 -50.84 26.35
CA VAL A 117 -99.79 -50.31 25.03
C VAL A 117 -99.33 -48.86 25.08
N ASN A 118 -99.96 -48.02 25.91
CA ASN A 118 -99.60 -46.61 25.99
C ASN A 118 -98.24 -46.42 26.65
N THR A 119 -97.94 -47.19 27.70
CA THR A 119 -96.62 -47.15 28.35
C THR A 119 -95.52 -47.64 27.40
N ILE A 120 -95.75 -48.71 26.65
CA ILE A 120 -94.79 -49.20 25.65
C ILE A 120 -94.54 -48.16 24.55
N SER A 121 -95.60 -47.55 23.99
CA SER A 121 -95.45 -46.49 23.00
C SER A 121 -94.72 -45.26 23.56
N LYS A 122 -94.97 -44.86 24.82
CA LYS A 122 -94.24 -43.76 25.47
C LYS A 122 -92.75 -44.06 25.60
N ARG A 123 -92.41 -45.29 26.01
CA ARG A 123 -90.99 -45.70 26.16
C ARG A 123 -90.29 -45.64 24.80
N VAL A 124 -90.90 -46.25 23.77
CA VAL A 124 -90.34 -46.28 22.41
C VAL A 124 -90.14 -44.86 21.88
N ASN A 125 -91.14 -43.98 22.03
CA ASN A 125 -91.06 -42.62 21.53
C ASN A 125 -89.98 -41.80 22.25
N ALA A 126 -89.86 -41.93 23.58
CA ALA A 126 -88.82 -41.24 24.35
C ALA A 126 -87.42 -41.69 23.92
N LEU A 127 -87.21 -43.01 23.78
CA LEU A 127 -85.93 -43.57 23.34
C LEU A 127 -85.60 -43.19 21.89
N ALA A 128 -86.57 -43.28 20.98
CA ALA A 128 -86.37 -42.92 19.58
C ALA A 128 -86.06 -41.42 19.42
N SER A 129 -86.71 -40.55 20.19
CA SER A 129 -86.43 -39.12 20.18
C SER A 129 -85.01 -38.83 20.66
N TYR A 130 -84.59 -39.46 21.77
CA TYR A 130 -83.21 -39.32 22.28
C TYR A 130 -82.15 -39.76 21.24
N VAL A 131 -82.37 -40.90 20.57
CA VAL A 131 -81.46 -41.42 19.56
C VAL A 131 -81.38 -40.47 18.36
N GLU A 132 -82.50 -39.98 17.85
CA GLU A 132 -82.52 -39.08 16.70
C GLU A 132 -81.93 -37.70 17.05
N GLU A 133 -82.26 -37.14 18.22
CA GLU A 133 -81.67 -35.87 18.70
C GLU A 133 -80.15 -35.97 18.85
N THR A 134 -79.64 -37.11 19.34
CA THR A 134 -78.20 -37.32 19.45
C THR A 134 -77.52 -37.33 18.08
N LEU A 135 -78.09 -38.03 17.09
CA LEU A 135 -77.53 -38.10 15.73
C LEU A 135 -77.59 -36.75 15.01
N ILE A 136 -78.69 -36.03 15.15
CA ILE A 136 -78.86 -34.66 14.62
C ILE A 136 -77.84 -33.72 15.25
N GLY A 137 -77.52 -33.88 16.54
CA GLY A 137 -76.49 -33.10 17.22
C GLY A 137 -75.09 -33.22 16.60
N PHE A 138 -74.81 -34.31 15.88
CA PHE A 138 -73.58 -34.51 15.10
C PHE A 138 -73.74 -34.21 13.60
N ASN A 139 -74.89 -33.69 13.18
CA ASN A 139 -75.22 -33.45 11.77
C ASN A 139 -75.07 -34.70 10.89
N ILE A 140 -75.33 -35.88 11.45
CA ILE A 140 -75.29 -37.15 10.70
C ILE A 140 -76.69 -37.71 10.56
N HIS A 141 -77.02 -38.10 9.34
CA HIS A 141 -78.20 -38.89 9.02
C HIS A 141 -77.77 -40.22 8.43
N ILE A 142 -78.11 -41.34 9.08
CA ILE A 142 -77.83 -42.69 8.57
C ILE A 142 -78.82 -42.99 7.45
N ARG A 143 -78.32 -43.09 6.21
CA ARG A 143 -79.15 -43.34 5.02
C ARG A 143 -79.27 -44.84 4.77
N GLU A 144 -80.45 -45.28 4.36
CA GLU A 144 -80.70 -46.69 4.03
C GLU A 144 -79.76 -47.22 2.92
N THR A 145 -79.39 -46.39 1.95
CA THR A 145 -78.48 -46.75 0.84
C THR A 145 -77.01 -46.91 1.24
N HIS A 146 -76.58 -46.30 2.33
CA HIS A 146 -75.19 -46.29 2.80
C HIS A 146 -75.11 -46.61 4.30
N MET A 147 -75.98 -47.51 4.75
CA MET A 147 -76.30 -47.71 6.15
C MET A 147 -75.07 -48.03 7.02
N LEU A 148 -74.21 -48.94 6.56
CA LEU A 148 -73.00 -49.33 7.30
C LEU A 148 -71.93 -48.22 7.30
N GLU A 149 -71.75 -47.52 6.19
CA GLU A 149 -70.78 -46.42 6.10
C GLU A 149 -71.18 -45.26 7.02
N ASP A 150 -72.45 -44.86 6.95
CA ASP A 150 -72.98 -43.79 7.78
C ASP A 150 -73.02 -44.21 9.27
N PHE A 151 -73.30 -45.49 9.58
CA PHE A 151 -73.21 -46.04 10.94
C PHE A 151 -71.79 -45.95 11.50
N ILE A 152 -70.76 -46.35 10.74
CA ILE A 152 -69.37 -46.27 11.20
C ILE A 152 -68.97 -44.81 11.46
N ARG A 153 -69.32 -43.88 10.56
CA ARG A 153 -69.04 -42.45 10.74
C ARG A 153 -69.75 -41.90 11.97
N ALA A 154 -71.05 -42.17 12.11
CA ALA A 154 -71.85 -41.75 13.27
C ALA A 154 -71.28 -42.28 14.58
N ARG A 155 -70.99 -43.58 14.64
CA ARG A 155 -70.43 -44.23 15.82
C ARG A 155 -69.08 -43.64 16.19
N THR A 156 -68.23 -43.36 15.20
CA THR A 156 -66.92 -42.73 15.42
C THR A 156 -67.07 -41.34 16.04
N LEU A 157 -68.00 -40.51 15.57
CA LEU A 157 -68.25 -39.19 16.16
C LEU A 157 -68.82 -39.29 17.59
N VAL A 158 -69.75 -40.21 17.85
CA VAL A 158 -70.31 -40.45 19.19
C VAL A 158 -69.20 -40.84 20.17
N VAL A 159 -68.38 -41.83 19.82
CA VAL A 159 -67.26 -42.28 20.67
C VAL A 159 -66.22 -41.17 20.87
N ASN A 160 -65.84 -40.47 19.80
CA ASN A 160 -64.85 -39.39 19.85
C ASN A 160 -65.34 -38.20 20.71
N SER A 161 -66.64 -37.95 20.78
CA SER A 161 -67.18 -36.90 21.64
C SER A 161 -66.81 -37.10 23.12
N LEU A 162 -66.66 -38.36 23.54
CA LEU A 162 -66.25 -38.76 24.89
C LEU A 162 -64.73 -38.93 25.02
N SER A 163 -64.11 -39.75 24.17
CA SER A 163 -62.69 -40.14 24.34
C SER A 163 -61.69 -39.11 23.85
N LYS A 164 -62.09 -38.21 22.92
CA LYS A 164 -61.24 -37.26 22.19
C LYS A 164 -60.12 -37.89 21.34
N ASP A 165 -60.01 -39.22 21.30
CA ASP A 165 -59.13 -39.94 20.40
C ASP A 165 -59.75 -39.98 18.99
N ALA A 166 -59.07 -39.39 18.01
CA ALA A 166 -59.53 -39.35 16.62
C ALA A 166 -59.43 -40.72 15.92
N LEU A 167 -58.62 -41.64 16.43
CA LEU A 167 -58.46 -43.00 15.90
C LEU A 167 -59.23 -44.06 16.72
N CYS A 168 -60.16 -43.64 17.58
CA CYS A 168 -60.91 -44.54 18.47
C CYS A 168 -61.67 -45.67 17.75
N SER A 169 -62.01 -45.49 16.46
CA SER A 169 -62.72 -46.48 15.64
C SER A 169 -61.86 -47.07 14.53
N LEU A 170 -60.52 -46.99 14.65
CA LEU A 170 -59.58 -47.47 13.63
C LEU A 170 -59.80 -48.95 13.27
N GLU A 171 -60.11 -49.80 14.25
CA GLU A 171 -60.36 -51.23 14.04
C GLU A 171 -61.62 -51.49 13.19
N LEU A 172 -62.65 -50.65 13.34
CA LEU A 172 -63.87 -50.74 12.52
C LEU A 172 -63.62 -50.19 11.10
N LEU A 173 -62.89 -49.08 11.00
CA LEU A 173 -62.55 -48.46 9.72
C LEU A 173 -61.63 -49.35 8.87
N ALA A 174 -60.67 -50.04 9.49
CA ALA A 174 -59.75 -50.95 8.81
C ALA A 174 -60.45 -52.17 8.17
N ASN A 175 -61.59 -52.58 8.74
CA ASN A 175 -62.41 -53.68 8.21
C ASN A 175 -63.39 -53.22 7.14
N SER A 176 -63.52 -51.92 6.90
CA SER A 176 -64.38 -51.38 5.84
C SER A 176 -63.64 -51.33 4.51
N THR A 177 -64.32 -51.74 3.45
CA THR A 177 -63.84 -51.62 2.06
C THR A 177 -64.25 -50.29 1.41
N SER A 178 -64.93 -49.39 2.14
CA SER A 178 -65.39 -48.12 1.60
C SER A 178 -64.23 -47.14 1.36
N LYS A 179 -64.03 -46.73 0.10
CA LYS A 179 -63.06 -45.69 -0.29
C LYS A 179 -63.31 -44.34 0.40
N SER A 180 -64.58 -44.04 0.70
CA SER A 180 -64.97 -42.81 1.40
C SER A 180 -64.48 -42.82 2.85
N LEU A 181 -64.63 -43.95 3.55
CA LEU A 181 -64.10 -44.09 4.92
C LEU A 181 -62.57 -44.11 4.95
N VAL A 182 -61.90 -44.72 3.98
CA VAL A 182 -60.44 -44.67 3.87
C VAL A 182 -59.95 -43.24 3.63
N SER A 183 -60.60 -42.50 2.72
CA SER A 183 -60.24 -41.10 2.44
C SER A 183 -60.47 -40.21 3.66
N TRP A 184 -61.54 -40.46 4.42
CA TRP A 184 -61.83 -39.77 5.68
C TRP A 184 -60.79 -40.07 6.77
N LEU A 185 -60.38 -41.35 6.89
CA LEU A 185 -59.31 -41.76 7.79
C LEU A 185 -57.99 -41.06 7.46
N ASP A 186 -57.59 -41.04 6.18
CA ASP A 186 -56.32 -40.44 5.74
C ASP A 186 -56.34 -38.92 5.72
N GLY A 187 -57.48 -38.31 5.41
CA GLY A 187 -57.63 -36.87 5.21
C GLY A 187 -58.07 -36.07 6.43
N ILE A 188 -58.76 -36.70 7.38
CA ILE A 188 -59.32 -36.04 8.57
C ILE A 188 -58.80 -36.69 9.85
N LEU A 189 -59.02 -37.99 10.04
CA LEU A 189 -58.75 -38.62 11.33
C LEU A 189 -57.25 -38.68 11.67
N LYS A 190 -56.41 -39.12 10.73
CA LYS A 190 -54.95 -39.18 10.90
C LYS A 190 -54.33 -37.79 11.07
N PRO A 191 -54.65 -36.77 10.24
CA PRO A 191 -54.21 -35.39 10.46
C PRO A 191 -54.59 -34.84 11.83
N LEU A 192 -55.85 -35.03 12.26
CA LEU A 192 -56.32 -34.58 13.56
C LEU A 192 -55.60 -35.27 14.72
N ASP A 193 -55.42 -36.59 14.64
CA ASP A 193 -54.68 -37.35 15.64
C ASP A 193 -53.22 -36.89 15.75
N HIS A 194 -52.55 -36.61 14.63
CA HIS A 194 -51.20 -36.06 14.64
C HIS A 194 -51.15 -34.63 15.21
N LEU A 195 -52.08 -33.76 14.81
CA LEU A 195 -52.21 -32.39 15.33
C LEU A 195 -52.43 -32.37 16.85
N ASN A 196 -53.40 -33.15 17.34
CA ASN A 196 -53.73 -33.24 18.76
C ASN A 196 -52.55 -33.78 19.59
N ARG A 197 -51.85 -34.78 19.07
CA ARG A 197 -50.68 -35.36 19.79
C ARG A 197 -49.50 -34.36 19.79
N ARG A 198 -49.35 -33.57 18.72
CA ARG A 198 -48.25 -32.60 18.59
C ARG A 198 -48.45 -31.35 19.45
N LEU A 199 -49.69 -30.87 19.58
CA LEU A 199 -50.02 -29.65 20.31
C LEU A 199 -50.59 -29.87 21.72
N ASP A 200 -50.77 -31.13 22.13
CA ASP A 200 -51.51 -31.51 23.34
C ASP A 200 -52.92 -30.90 23.40
N THR A 201 -53.54 -30.75 22.22
CA THR A 201 -54.93 -30.31 22.07
C THR A 201 -55.86 -31.51 22.05
N LYS A 202 -57.12 -31.31 22.44
CA LYS A 202 -58.16 -32.35 22.43
C LYS A 202 -59.32 -31.96 21.51
N LEU A 203 -58.99 -31.52 20.29
CA LEU A 203 -59.99 -31.13 19.29
C LEU A 203 -60.74 -32.37 18.81
N SER A 204 -62.06 -32.38 18.94
CA SER A 204 -62.88 -33.49 18.44
C SER A 204 -62.95 -33.49 16.91
N ILE A 205 -63.24 -34.66 16.33
CA ILE A 205 -63.44 -34.82 14.89
C ILE A 205 -64.53 -33.87 14.41
N PHE A 206 -65.67 -33.83 15.10
CA PHE A 206 -66.77 -32.94 14.76
C PHE A 206 -66.38 -31.45 14.79
N GLN A 207 -65.57 -31.03 15.77
CA GLN A 207 -65.08 -29.64 15.79
C GLN A 207 -64.13 -29.35 14.64
N PHE A 208 -63.19 -30.26 14.35
CA PHE A 208 -62.21 -30.10 13.29
C PHE A 208 -62.86 -30.08 11.90
N GLU A 209 -63.86 -30.92 11.66
CA GLU A 209 -64.62 -30.95 10.40
C GLU A 209 -65.49 -29.69 10.19
N ASN A 210 -65.88 -29.01 11.27
CA ASN A 210 -66.63 -27.76 11.20
C ASN A 210 -65.74 -26.50 11.17
N LEU A 211 -64.42 -26.65 11.21
CA LEU A 211 -63.50 -25.53 10.94
C LEU A 211 -63.49 -25.21 9.45
N SER A 212 -63.27 -23.92 9.11
CA SER A 212 -62.93 -23.58 7.73
C SER A 212 -61.59 -24.21 7.35
N ALA A 213 -61.36 -24.45 6.06
CA ALA A 213 -60.08 -25.00 5.62
C ALA A 213 -58.90 -24.08 5.97
N GLN A 214 -59.11 -22.76 5.94
CA GLN A 214 -58.13 -21.78 6.40
C GLN A 214 -57.85 -21.89 7.91
N ASP A 215 -58.89 -22.03 8.73
CA ASP A 215 -58.72 -22.17 10.19
C ASP A 215 -58.03 -23.47 10.57
N ALA A 216 -58.39 -24.59 9.92
CA ALA A 216 -57.74 -25.88 10.13
C ALA A 216 -56.24 -25.82 9.79
N VAL A 217 -55.87 -25.21 8.65
CA VAL A 217 -54.46 -25.01 8.26
C VAL A 217 -53.76 -24.03 9.22
N SER A 218 -54.47 -23.01 9.72
CA SER A 218 -53.94 -22.08 10.71
C SER A 218 -53.63 -22.78 12.04
N GLU A 219 -54.48 -23.70 12.50
CA GLU A 219 -54.20 -24.54 13.68
C GLU A 219 -52.97 -25.44 13.45
N MET A 220 -52.85 -26.07 12.26
CA MET A 220 -51.67 -26.88 11.91
C MET A 220 -50.38 -26.05 11.89
N TRP A 221 -50.43 -24.81 11.40
CA TRP A 221 -49.27 -23.91 11.32
C TRP A 221 -48.79 -23.38 12.68
N LYS A 222 -49.55 -23.60 13.77
CA LYS A 222 -49.06 -23.36 15.13
C LYS A 222 -47.95 -24.36 15.43
N LEU A 223 -46.71 -23.92 15.31
CA LEU A 223 -45.52 -24.71 15.59
C LEU A 223 -44.80 -24.14 16.81
N PRO A 224 -44.49 -24.95 17.84
CA PRO A 224 -43.68 -24.49 18.98
C PRO A 224 -42.30 -23.99 18.58
N VAL A 225 -41.69 -24.63 17.58
CA VAL A 225 -40.42 -24.25 16.98
C VAL A 225 -40.52 -24.37 15.47
N LYS A 226 -40.15 -23.30 14.74
CA LYS A 226 -40.12 -23.28 13.27
C LYS A 226 -38.75 -23.72 12.76
N GLU A 227 -38.57 -25.03 12.69
CA GLU A 227 -37.42 -25.70 12.07
C GLU A 227 -37.87 -26.58 10.90
N VAL A 228 -36.96 -26.83 9.95
CA VAL A 228 -37.24 -27.60 8.73
C VAL A 228 -37.78 -29.01 9.03
N SER A 229 -37.26 -29.68 10.07
CA SER A 229 -37.69 -31.02 10.49
C SER A 229 -39.14 -31.03 10.96
N VAL A 230 -39.52 -30.06 11.78
CA VAL A 230 -40.87 -29.90 12.34
C VAL A 230 -41.87 -29.57 11.23
N VAL A 231 -41.52 -28.61 10.36
CA VAL A 231 -42.38 -28.23 9.22
C VAL A 231 -42.56 -29.41 8.27
N ARG A 232 -41.50 -30.19 7.99
CA ARG A 232 -41.61 -31.39 7.16
C ARG A 232 -42.58 -32.43 7.72
N SER A 233 -42.55 -32.66 9.04
CA SER A 233 -43.47 -33.61 9.69
C SER A 233 -44.92 -33.14 9.63
N MET A 234 -45.16 -31.86 9.92
CA MET A 234 -46.49 -31.25 9.85
C MET A 234 -47.04 -31.25 8.42
N MET A 235 -46.22 -30.91 7.41
CA MET A 235 -46.63 -30.98 6.00
C MET A 235 -47.03 -32.40 5.60
N LYS A 236 -46.17 -33.38 5.90
CA LYS A 236 -46.37 -34.78 5.49
C LYS A 236 -47.57 -35.47 6.16
N TYR A 237 -47.82 -35.19 7.44
CA TYR A 237 -48.82 -35.94 8.23
C TYR A 237 -50.10 -35.15 8.52
N GLU A 238 -50.13 -33.83 8.29
CA GLU A 238 -51.30 -32.99 8.56
C GLU A 238 -51.77 -32.24 7.31
N VAL A 239 -50.97 -31.30 6.81
CA VAL A 239 -51.41 -30.36 5.77
C VAL A 239 -51.59 -31.03 4.41
N GLU A 240 -50.63 -31.83 3.94
CA GLU A 240 -50.76 -32.50 2.64
C GLU A 240 -51.95 -33.47 2.58
N PRO A 241 -52.16 -34.38 3.56
CA PRO A 241 -53.34 -35.26 3.55
C PRO A 241 -54.66 -34.48 3.67
N TYR A 242 -54.71 -33.43 4.50
CA TYR A 242 -55.90 -32.61 4.68
C TYR A 242 -56.27 -31.85 3.40
N LEU A 243 -55.33 -31.16 2.76
CA LEU A 243 -55.59 -30.40 1.53
C LEU A 243 -55.94 -31.33 0.36
N LYS A 244 -55.33 -32.51 0.31
CA LYS A 244 -55.70 -33.54 -0.67
C LYS A 244 -57.14 -34.02 -0.48
N PHE A 245 -57.60 -34.15 0.77
CA PHE A 245 -58.99 -34.51 1.09
C PHE A 245 -59.97 -33.37 0.80
N GLN A 246 -59.60 -32.11 1.09
CA GLN A 246 -60.40 -30.92 0.77
C GLN A 246 -60.45 -30.63 -0.74
N GLY A 247 -59.50 -31.15 -1.53
CA GLY A 247 -59.44 -30.96 -2.97
C GLY A 247 -58.96 -29.57 -3.41
N SER A 248 -58.41 -28.77 -2.50
CA SER A 248 -57.86 -27.44 -2.80
C SER A 248 -56.62 -27.15 -1.98
N TYR A 249 -55.59 -26.63 -2.64
CA TYR A 249 -54.36 -26.13 -2.00
C TYR A 249 -54.40 -24.64 -1.71
N THR A 250 -55.49 -23.94 -2.05
CA THR A 250 -55.63 -22.50 -1.78
C THR A 250 -55.35 -22.12 -0.31
N PRO A 251 -55.83 -22.86 0.70
CA PRO A 251 -55.54 -22.56 2.10
C PRO A 251 -54.04 -22.59 2.44
N PHE A 252 -53.23 -23.40 1.74
CA PHE A 252 -51.78 -23.45 1.96
C PHE A 252 -51.10 -22.12 1.62
N TYR A 253 -51.41 -21.56 0.46
CA TYR A 253 -50.78 -20.29 0.00
C TYR A 253 -51.30 -19.09 0.79
N GLU A 254 -52.58 -19.12 1.19
CA GLU A 254 -53.21 -18.03 1.91
C GLU A 254 -52.73 -17.96 3.37
N VAL A 255 -52.64 -19.12 4.04
CA VAL A 255 -52.37 -19.17 5.48
C VAL A 255 -50.89 -19.40 5.80
N ILE A 256 -50.19 -20.26 5.05
CA ILE A 256 -48.82 -20.66 5.35
C ILE A 256 -47.83 -19.98 4.40
N PHE A 257 -47.92 -20.27 3.11
CA PHE A 257 -46.90 -19.92 2.14
C PHE A 257 -47.16 -18.54 1.54
N ASN A 258 -46.95 -17.49 2.34
CA ASN A 258 -47.14 -16.09 1.96
C ASN A 258 -45.96 -15.21 2.45
N PRO A 259 -45.82 -13.95 1.97
CA PRO A 259 -44.75 -13.04 2.40
C PRO A 259 -44.71 -12.73 3.90
N ASP A 260 -45.84 -12.81 4.60
CA ASP A 260 -45.93 -12.51 6.05
C ASP A 260 -45.26 -13.60 6.90
N ASN A 261 -45.39 -14.88 6.50
CA ASN A 261 -44.74 -16.00 7.16
C ASN A 261 -43.29 -16.23 6.75
N PHE A 262 -42.87 -15.67 5.60
CA PHE A 262 -41.54 -15.83 5.03
C PHE A 262 -40.82 -14.49 4.83
N PRO A 263 -40.45 -13.78 5.90
CA PRO A 263 -39.63 -12.58 5.83
C PRO A 263 -38.20 -12.82 5.34
N LEU A 264 -37.73 -14.07 5.26
CA LEU A 264 -36.37 -14.44 4.79
C LEU A 264 -35.23 -13.76 5.57
N ASP A 265 -35.48 -13.42 6.83
CA ASP A 265 -34.59 -12.68 7.73
C ASP A 265 -33.75 -13.58 8.66
N SER A 266 -33.93 -14.90 8.54
CA SER A 266 -33.19 -15.90 9.29
C SER A 266 -32.90 -17.14 8.43
N ILE A 267 -31.83 -17.85 8.76
CA ILE A 267 -31.43 -19.09 8.07
C ILE A 267 -32.58 -20.11 8.15
N ASN A 268 -33.22 -20.27 9.31
CA ASN A 268 -34.32 -21.21 9.48
C ASN A 268 -35.52 -20.84 8.61
N ASN A 269 -35.92 -19.57 8.59
CA ASN A 269 -37.03 -19.13 7.73
C ASN A 269 -36.71 -19.35 6.24
N PHE A 270 -35.48 -19.03 5.82
CA PHE A 270 -35.03 -19.26 4.45
C PHE A 270 -34.99 -20.74 4.07
N GLN A 271 -34.51 -21.62 4.97
CA GLN A 271 -34.48 -23.05 4.72
C GLN A 271 -35.89 -23.67 4.66
N ILE A 272 -36.83 -23.21 5.49
CA ILE A 272 -38.23 -23.61 5.40
C ILE A 272 -38.83 -23.14 4.08
N TYR A 273 -38.57 -21.89 3.68
CA TYR A 273 -38.97 -21.38 2.37
C TYR A 273 -38.43 -22.25 1.23
N LYS A 274 -37.12 -22.58 1.23
CA LYS A 274 -36.50 -23.48 0.24
C LYS A 274 -37.16 -24.86 0.20
N TYR A 275 -37.45 -25.43 1.37
CA TYR A 275 -38.10 -26.74 1.48
C TYR A 275 -39.54 -26.71 0.91
N LEU A 276 -40.36 -25.73 1.30
CA LEU A 276 -41.72 -25.59 0.79
C LEU A 276 -41.74 -25.27 -0.70
N SER A 277 -40.82 -24.42 -1.18
CA SER A 277 -40.62 -24.07 -2.60
C SER A 277 -40.24 -25.25 -3.49
N SER A 278 -39.78 -26.34 -2.89
CA SER A 278 -39.40 -27.58 -3.57
C SER A 278 -40.47 -28.67 -3.50
N GLN A 279 -41.59 -28.44 -2.80
CA GLN A 279 -42.66 -29.44 -2.75
C GLN A 279 -43.32 -29.59 -4.12
N PRO A 280 -43.51 -30.83 -4.61
CA PRO A 280 -43.94 -31.10 -5.98
C PRO A 280 -45.45 -30.94 -6.18
N THR A 281 -46.22 -31.20 -5.14
CA THR A 281 -47.56 -30.64 -5.02
C THR A 281 -47.39 -29.23 -4.53
N PRO A 282 -48.33 -28.35 -4.74
CA PRO A 282 -49.34 -28.24 -5.81
C PRO A 282 -48.80 -27.68 -7.13
N LEU A 283 -49.37 -28.14 -8.25
CA LEU A 283 -49.03 -27.73 -9.62
C LEU A 283 -49.81 -26.50 -10.10
N ASP A 284 -50.13 -25.60 -9.18
CA ASP A 284 -50.95 -24.42 -9.46
C ASP A 284 -50.06 -23.20 -9.77
N THR A 285 -50.42 -22.40 -10.78
CA THR A 285 -49.75 -21.12 -11.11
C THR A 285 -49.67 -20.20 -9.89
N LYS A 286 -50.70 -20.22 -9.02
CA LYS A 286 -50.72 -19.44 -7.78
C LYS A 286 -49.58 -19.81 -6.83
N PHE A 287 -49.09 -21.05 -6.85
CA PHE A 287 -47.92 -21.47 -6.06
C PHE A 287 -46.67 -20.73 -6.52
N ASN A 288 -46.41 -20.75 -7.83
CA ASN A 288 -45.22 -20.12 -8.41
C ASN A 288 -45.27 -18.60 -8.28
N GLU A 289 -46.44 -17.98 -8.46
CA GLU A 289 -46.62 -16.55 -8.18
C GLU A 289 -46.32 -16.22 -6.72
N THR A 290 -46.83 -17.01 -5.78
CA THR A 290 -46.62 -16.75 -4.36
C THR A 290 -45.17 -16.98 -3.94
N LYS A 291 -44.52 -18.03 -4.49
CA LYS A 291 -43.09 -18.30 -4.34
C LYS A 291 -42.26 -17.11 -4.82
N TRP A 292 -42.57 -16.56 -5.99
CA TRP A 292 -41.89 -15.39 -6.52
C TRP A 292 -42.15 -14.15 -5.68
N ASN A 293 -43.39 -13.90 -5.27
CA ASN A 293 -43.76 -12.74 -4.46
C ASN A 293 -43.04 -12.72 -3.11
N ILE A 294 -42.86 -13.89 -2.47
CA ILE A 294 -42.03 -14.04 -1.26
C ILE A 294 -40.58 -13.62 -1.57
N LEU A 295 -39.95 -14.23 -2.58
CA LEU A 295 -38.55 -13.96 -2.93
C LEU A 295 -38.32 -12.50 -3.37
N TYR A 296 -39.21 -11.93 -4.18
CA TYR A 296 -39.08 -10.59 -4.72
C TYR A 296 -39.35 -9.51 -3.66
N SER A 297 -40.28 -9.76 -2.72
CA SER A 297 -40.61 -8.79 -1.66
C SER A 297 -39.59 -8.82 -0.52
N ASN A 298 -39.15 -10.02 -0.13
CA ASN A 298 -38.38 -10.23 1.09
C ASN A 298 -36.92 -10.66 0.82
N GLY A 299 -36.53 -10.91 -0.44
CA GLY A 299 -35.18 -11.34 -0.81
C GLY A 299 -34.06 -10.38 -0.39
N LYS A 300 -34.37 -9.09 -0.17
CA LYS A 300 -33.42 -8.13 0.39
C LYS A 300 -32.88 -8.52 1.78
N ASN A 301 -33.66 -9.26 2.55
CA ASN A 301 -33.29 -9.71 3.89
C ASN A 301 -32.27 -10.86 3.84
N LEU A 302 -32.13 -11.54 2.69
CA LEU A 302 -31.13 -12.58 2.49
C LEU A 302 -29.70 -12.03 2.60
N ALA A 303 -29.50 -10.75 2.30
CA ALA A 303 -28.22 -10.06 2.45
C ALA A 303 -27.78 -9.89 3.91
N SER A 304 -28.70 -10.05 4.86
CA SER A 304 -28.46 -9.87 6.30
C SER A 304 -28.27 -11.18 7.06
N LEU A 307 -25.83 -18.39 5.01
CA LEU A 307 -25.76 -19.33 3.89
C LEU A 307 -24.31 -19.51 3.44
N PRO A 308 -23.82 -20.76 3.24
CA PRO A 308 -22.44 -20.99 2.80
C PRO A 308 -22.10 -20.35 1.45
N ASN A 309 -23.05 -20.36 0.51
CA ASN A 309 -22.91 -19.75 -0.80
C ASN A 309 -24.29 -19.30 -1.30
N LEU A 310 -24.56 -18.00 -1.18
CA LEU A 310 -25.84 -17.40 -1.60
C LEU A 310 -26.12 -17.62 -3.09
N VAL A 311 -25.11 -17.46 -3.94
CA VAL A 311 -25.25 -17.59 -5.40
C VAL A 311 -25.68 -19.01 -5.76
N PHE A 312 -25.06 -20.02 -5.15
CA PHE A 312 -25.43 -21.42 -5.38
C PHE A 312 -26.85 -21.75 -4.92
N GLU A 313 -27.28 -21.21 -3.77
CA GLU A 313 -28.64 -21.38 -3.25
C GLU A 313 -29.69 -20.74 -4.18
N LEU A 314 -29.43 -19.52 -4.67
CA LEU A 314 -30.27 -18.86 -5.66
C LEU A 314 -30.29 -19.64 -6.98
N GLU A 315 -29.13 -20.13 -7.45
CA GLU A 315 -29.01 -20.91 -8.68
C GLU A 315 -29.84 -22.20 -8.60
N SER A 316 -29.76 -22.92 -7.48
CA SER A 316 -30.54 -24.13 -7.23
C SER A 316 -32.04 -23.86 -7.19
N LEU A 317 -32.46 -22.77 -6.53
CA LEU A 317 -33.86 -22.36 -6.48
C LEU A 317 -34.39 -21.97 -7.85
N ILE A 318 -33.67 -21.14 -8.59
CA ILE A 318 -34.08 -20.65 -9.91
C ILE A 318 -34.19 -21.82 -10.90
N LYS A 319 -33.24 -22.76 -10.89
CA LYS A 319 -33.32 -24.00 -11.70
C LYS A 319 -34.56 -24.84 -11.41
N SER A 320 -35.13 -24.75 -10.19
CA SER A 320 -36.31 -25.54 -9.80
C SER A 320 -37.65 -25.01 -10.33
N PHE A 321 -37.68 -23.82 -10.93
CA PHE A 321 -38.90 -23.30 -11.57
C PHE A 321 -39.18 -23.95 -12.92
N GLY A 322 -38.17 -24.61 -13.51
CA GLY A 322 -38.23 -24.95 -14.92
C GLY A 322 -38.08 -23.72 -15.81
N ASP A 323 -38.10 -23.96 -17.11
CA ASP A 323 -37.82 -22.95 -18.11
C ASP A 323 -39.13 -22.28 -18.57
N ASP A 324 -39.77 -21.56 -17.64
CA ASP A 324 -40.98 -20.80 -17.93
C ASP A 324 -40.71 -19.30 -17.76
N SER A 325 -40.34 -18.69 -18.89
CA SER A 325 -39.94 -17.28 -19.00
C SER A 325 -40.98 -16.28 -18.48
N GLN A 326 -42.27 -16.65 -18.44
CA GLN A 326 -43.34 -15.71 -18.08
C GLN A 326 -43.25 -15.26 -16.62
N ILE A 327 -42.72 -16.13 -15.76
CA ILE A 327 -42.61 -15.87 -14.32
C ILE A 327 -41.57 -14.77 -14.05
N PHE A 328 -40.58 -14.62 -14.93
CA PHE A 328 -39.34 -13.92 -14.64
C PHE A 328 -39.27 -12.49 -15.15
N SER A 329 -40.42 -11.85 -15.38
CA SER A 329 -40.48 -10.44 -15.83
C SER A 329 -39.63 -10.16 -17.08
N GLY A 330 -39.63 -11.11 -18.02
CA GLY A 330 -38.97 -10.98 -19.32
C GLY A 330 -37.49 -11.37 -19.36
N ILE A 331 -36.92 -11.89 -18.27
CA ILE A 331 -35.56 -12.43 -18.25
C ILE A 331 -35.63 -13.96 -18.31
N SER A 332 -34.88 -14.59 -19.20
CA SER A 332 -34.89 -16.06 -19.30
C SER A 332 -34.23 -16.72 -18.07
N LEU A 333 -34.54 -18.00 -17.83
CA LEU A 333 -33.86 -18.78 -16.79
C LEU A 333 -32.35 -18.73 -16.99
N ASN A 334 -31.88 -18.95 -18.22
CA ASN A 334 -30.46 -18.95 -18.56
C ASN A 334 -29.80 -17.58 -18.30
N GLU A 335 -30.47 -16.49 -18.66
CA GLU A 335 -29.96 -15.14 -18.41
C GLU A 335 -29.87 -14.85 -16.90
N TRP A 336 -30.86 -15.27 -16.11
CA TRP A 336 -30.75 -15.20 -14.65
C TRP A 336 -29.55 -15.99 -14.13
N LEU A 337 -29.33 -17.22 -14.62
CA LEU A 337 -28.19 -18.04 -14.22
C LEU A 337 -26.85 -17.40 -14.59
N VAL A 338 -26.75 -16.75 -15.76
CA VAL A 338 -25.56 -15.98 -16.17
C VAL A 338 -25.36 -14.79 -15.25
N ASN A 339 -26.41 -14.02 -14.97
CA ASN A 339 -26.36 -12.84 -14.11
C ASN A 339 -25.98 -13.17 -12.66
N LEU A 340 -26.47 -14.29 -12.13
CA LEU A 340 -26.13 -14.79 -10.79
C LEU A 340 -24.60 -14.98 -10.61
N LYS A 341 -23.88 -15.43 -11.65
CA LYS A 341 -22.43 -15.64 -11.59
C LYS A 341 -21.64 -14.35 -11.28
N PHE A 342 -22.22 -13.19 -11.57
CA PHE A 342 -21.58 -11.88 -11.41
C PHE A 342 -22.08 -11.09 -10.20
N MET A 343 -23.07 -11.60 -9.45
CA MET A 343 -23.61 -10.92 -8.27
C MET A 343 -22.53 -10.53 -7.27
N ASN A 344 -21.59 -11.44 -6.98
CA ASN A 344 -20.47 -11.16 -6.07
C ASN A 344 -19.54 -10.07 -6.62
N ALA A 345 -19.30 -10.04 -7.94
CA ALA A 345 -18.44 -9.04 -8.58
C ALA A 345 -19.09 -7.65 -8.61
N MET A 346 -20.43 -7.59 -8.69
CA MET A 346 -21.23 -6.37 -8.62
C MET A 346 -21.49 -5.85 -7.20
N ASP A 347 -21.15 -6.64 -6.17
CA ASP A 347 -21.63 -6.45 -4.79
C ASP A 347 -23.17 -6.31 -4.71
N ILE A 348 -23.88 -7.08 -5.54
CA ILE A 348 -25.35 -7.17 -5.53
C ILE A 348 -25.74 -8.49 -4.88
N LYS A 349 -26.65 -8.45 -3.90
CA LYS A 349 -27.04 -9.62 -3.10
C LYS A 349 -28.49 -10.04 -3.26
N ASP A 350 -29.23 -9.43 -4.17
CA ASP A 350 -30.63 -9.77 -4.42
C ASP A 350 -31.06 -9.59 -5.88
N LEU A 351 -32.02 -10.40 -6.31
CA LEU A 351 -32.52 -10.44 -7.70
C LEU A 351 -33.17 -9.12 -8.11
N LYS A 352 -33.82 -8.43 -7.17
CA LYS A 352 -34.53 -7.17 -7.45
C LYS A 352 -33.55 -6.05 -7.73
N SER A 353 -32.46 -5.96 -6.98
CA SER A 353 -31.35 -5.02 -7.25
C SER A 353 -30.62 -5.34 -8.55
N LEU A 354 -30.48 -6.63 -8.89
CA LEU A 354 -29.93 -7.04 -10.17
C LEU A 354 -30.81 -6.57 -11.34
N LYS A 355 -32.14 -6.77 -11.26
CA LYS A 355 -33.08 -6.25 -12.26
C LYS A 355 -33.09 -4.73 -12.32
N LYS A 356 -32.91 -4.05 -11.18
CA LYS A 356 -32.84 -2.57 -11.14
C LYS A 356 -31.65 -2.02 -11.93
N LEU A 357 -30.52 -2.74 -12.00
CA LEU A 357 -29.35 -2.31 -12.77
C LEU A 357 -29.67 -2.10 -14.26
N GLN A 358 -30.59 -2.88 -14.81
CA GLN A 358 -31.09 -2.70 -16.17
C GLN A 358 -31.79 -1.34 -16.38
N ASN A 359 -32.36 -0.76 -15.33
CA ASN A 359 -33.04 0.54 -15.40
C ASN A 359 -32.12 1.72 -15.09
N GLU A 360 -30.89 1.48 -14.63
CA GLU A 360 -29.89 2.53 -14.37
C GLU A 360 -29.40 3.18 -15.66
N ASP A 361 -28.91 4.42 -15.59
CA ASP A 361 -28.39 5.11 -16.77
C ASP A 361 -27.06 4.51 -17.28
N SER A 362 -26.64 4.94 -18.47
CA SER A 362 -25.42 4.43 -19.12
C SER A 362 -24.14 4.70 -18.30
N VAL A 363 -24.07 5.78 -17.53
CA VAL A 363 -22.89 6.13 -16.73
C VAL A 363 -22.79 5.18 -15.54
N VAL A 364 -23.90 4.94 -14.86
CA VAL A 364 -23.99 3.99 -13.74
C VAL A 364 -23.72 2.58 -14.22
N GLN A 365 -24.33 2.16 -15.34
CA GLN A 365 -24.06 0.87 -15.98
C GLN A 365 -22.57 0.72 -16.33
N THR A 366 -21.95 1.74 -16.93
CA THR A 366 -20.51 1.74 -17.24
C THR A 366 -19.65 1.57 -15.98
N SER A 367 -20.00 2.28 -14.90
CA SER A 367 -19.30 2.16 -13.62
C SER A 367 -19.42 0.76 -13.02
N TYR A 368 -20.62 0.19 -12.99
CA TYR A 368 -20.84 -1.18 -12.48
C TYR A 368 -20.11 -2.21 -13.32
N PHE A 369 -20.18 -2.13 -14.64
CA PHE A 369 -19.48 -3.05 -15.54
C PHE A 369 -17.96 -2.96 -15.35
N SER A 370 -17.42 -1.75 -15.19
CA SER A 370 -16.00 -1.54 -14.88
C SER A 370 -15.58 -2.12 -13.52
N ILE A 371 -16.46 -2.09 -12.53
CA ILE A 371 -16.23 -2.71 -11.21
C ILE A 371 -16.24 -4.25 -11.36
N ILE A 372 -17.19 -4.81 -12.11
CA ILE A 372 -17.25 -6.25 -12.38
C ILE A 372 -15.93 -6.74 -12.95
N THR A 373 -15.45 -6.12 -14.02
CA THR A 373 -14.22 -6.54 -14.69
C THR A 373 -13.00 -6.38 -13.78
N GLN A 374 -12.90 -5.27 -13.04
CA GLN A 374 -11.81 -5.05 -12.08
C GLN A 374 -11.81 -6.09 -10.95
N ASN A 375 -12.98 -6.47 -10.44
CA ASN A 375 -13.10 -7.47 -9.38
C ASN A 375 -12.82 -8.88 -9.90
N MET A 376 -13.34 -9.24 -11.07
CA MET A 376 -13.10 -10.54 -11.70
C MET A 376 -11.64 -10.77 -12.08
N PHE A 377 -10.89 -9.70 -12.40
CA PHE A 377 -9.50 -9.78 -12.85
C PHE A 377 -8.45 -9.54 -11.75
N GLN A 378 -8.89 -9.34 -10.50
CA GLN A 378 -8.00 -9.30 -9.34
C GLN A 378 -7.36 -10.69 -9.10
N GLY A 379 -6.12 -10.69 -8.60
CA GLY A 379 -5.39 -11.91 -8.31
C GLY A 379 -4.87 -12.61 -9.57
N HIS A 380 -4.58 -13.90 -9.48
CA HIS A 380 -4.20 -14.70 -10.64
C HIS A 380 -5.47 -15.17 -11.35
N ILE A 381 -5.56 -14.89 -12.63
CA ILE A 381 -6.70 -15.27 -13.46
C ILE A 381 -6.19 -16.08 -14.65
N ASP A 382 -7.07 -16.93 -15.18
CA ASP A 382 -6.84 -17.66 -16.42
C ASP A 382 -7.70 -17.09 -17.55
N ILE A 383 -7.47 -17.57 -18.78
CA ILE A 383 -8.25 -17.14 -19.94
C ILE A 383 -9.74 -17.47 -19.81
N LYS A 384 -10.11 -18.52 -19.05
CA LYS A 384 -11.51 -18.90 -18.81
C LYS A 384 -12.26 -17.81 -18.06
N THR A 385 -11.59 -17.15 -17.13
CA THR A 385 -12.17 -16.02 -16.40
C THR A 385 -12.59 -14.91 -17.36
N VAL A 386 -11.75 -14.59 -18.36
CA VAL A 386 -12.10 -13.62 -19.41
C VAL A 386 -13.22 -14.13 -20.31
N GLN A 387 -13.18 -15.40 -20.71
CA GLN A 387 -14.23 -16.02 -21.52
C GLN A 387 -15.60 -15.99 -20.81
N ASN A 388 -15.65 -16.17 -19.50
CA ASN A 388 -16.90 -16.04 -18.73
C ASN A 388 -17.47 -14.62 -18.80
N VAL A 389 -16.61 -13.59 -18.76
CA VAL A 389 -17.07 -12.20 -18.93
C VAL A 389 -17.57 -11.98 -20.36
N VAL A 390 -16.91 -12.55 -21.37
CA VAL A 390 -17.37 -12.46 -22.77
C VAL A 390 -18.72 -13.14 -22.95
N GLU A 391 -18.92 -14.36 -22.41
CA GLU A 391 -20.21 -15.05 -22.42
C GLU A 391 -21.31 -14.21 -21.74
N PHE A 392 -20.96 -13.50 -20.66
CA PHE A 392 -21.86 -12.56 -20.00
C PHE A 392 -22.23 -11.35 -20.87
N ILE A 393 -21.26 -10.73 -21.55
CA ILE A 393 -21.50 -9.63 -22.50
C ILE A 393 -22.45 -10.08 -23.62
N THR A 403 -20.60 0.26 -23.23
CA THR A 403 -20.04 -0.31 -24.47
C THR A 403 -18.95 -1.34 -24.16
N ASN A 404 -18.78 -2.34 -25.00
CA ASN A 404 -17.74 -3.35 -24.83
C ASN A 404 -16.33 -2.74 -24.76
N GLU A 405 -16.08 -1.63 -25.47
CA GLU A 405 -14.84 -0.87 -25.43
C GLU A 405 -14.61 -0.22 -24.05
N LEU A 406 -15.65 0.36 -23.46
CA LEU A 406 -15.59 0.93 -22.12
C LEU A 406 -15.37 -0.15 -21.06
N GLN A 407 -16.09 -1.27 -21.14
CA GLN A 407 -15.89 -2.41 -20.25
C GLN A 407 -14.45 -2.94 -20.37
N THR A 408 -13.94 -3.09 -21.59
CA THR A 408 -12.55 -3.50 -21.83
C THR A 408 -11.55 -2.47 -21.29
N SER A 409 -11.83 -1.17 -21.40
CA SER A 409 -11.00 -0.12 -20.80
C SER A 409 -10.92 -0.22 -19.29
N ILE A 410 -12.05 -0.48 -18.61
CA ILE A 410 -12.10 -0.65 -17.15
C ILE A 410 -11.34 -1.91 -16.71
N LEU A 411 -11.44 -2.99 -17.50
CA LEU A 411 -10.67 -4.22 -17.30
C LEU A 411 -9.16 -3.94 -17.35
N LEU A 412 -8.70 -3.24 -18.40
CA LEU A 412 -7.29 -2.90 -18.58
C LEU A 412 -6.79 -1.95 -17.49
N GLU A 413 -7.60 -0.95 -17.11
CA GLU A 413 -7.31 -0.04 -16.01
C GLU A 413 -7.18 -0.78 -14.68
N SER A 414 -8.00 -1.82 -14.45
CA SER A 414 -7.92 -2.65 -13.24
C SER A 414 -6.63 -3.48 -13.18
N LEU A 415 -6.21 -4.06 -14.31
CA LEU A 415 -4.93 -4.77 -14.42
C LEU A 415 -3.74 -3.84 -14.17
N LEU A 416 -3.76 -2.64 -14.78
CA LEU A 416 -2.78 -1.57 -14.51
C LEU A 416 -2.79 -1.17 -13.04
N LYS A 417 -3.98 -0.95 -12.46
CA LYS A 417 -4.18 -0.52 -11.08
C LYS A 417 -3.53 -1.48 -10.09
N LEU A 418 -3.67 -2.79 -10.34
CA LEU A 418 -3.17 -3.90 -9.53
C LEU A 418 -1.75 -4.35 -9.87
N GLY A 419 -1.06 -3.67 -10.80
CA GLY A 419 0.31 -3.99 -11.18
C GLY A 419 0.46 -5.35 -11.88
N LYS A 420 -0.60 -5.84 -12.54
CA LYS A 420 -0.62 -7.14 -13.24
C LYS A 420 0.01 -7.06 -14.63
N PHE A 421 1.23 -6.52 -14.70
CA PHE A 421 1.88 -6.20 -15.98
C PHE A 421 2.15 -7.43 -16.85
N ASP A 422 2.51 -8.58 -16.28
CA ASP A 422 2.78 -9.80 -17.06
C ASP A 422 1.52 -10.26 -17.83
N ILE A 423 0.37 -10.22 -17.16
CA ILE A 423 -0.92 -10.61 -17.72
C ILE A 423 -1.42 -9.55 -18.69
N LEU A 424 -1.20 -8.28 -18.36
CA LEU A 424 -1.55 -7.16 -19.23
C LEU A 424 -0.78 -7.24 -20.57
N GLU A 425 0.54 -7.46 -20.52
CA GLU A 425 1.40 -7.64 -21.70
C GLU A 425 0.95 -8.85 -22.54
N GLN A 426 0.61 -9.97 -21.88
CA GLN A 426 0.08 -11.16 -22.55
C GLN A 426 -1.30 -10.91 -23.20
N PHE A 427 -2.19 -10.21 -22.52
CA PHE A 427 -3.53 -9.92 -23.02
C PHE A 427 -3.51 -8.94 -24.19
N VAL A 428 -2.73 -7.86 -24.09
CA VAL A 428 -2.58 -6.85 -25.15
C VAL A 428 -1.95 -7.46 -26.40
N SER A 429 -0.94 -8.32 -26.24
CA SER A 429 -0.30 -9.01 -27.38
C SER A 429 -1.22 -10.01 -28.08
N THR A 430 -2.17 -10.63 -27.36
CA THR A 430 -3.08 -11.64 -27.91
C THR A 430 -4.37 -11.04 -28.49
N SER A 431 -4.96 -10.05 -27.80
CA SER A 431 -6.25 -9.46 -28.19
C SER A 431 -6.13 -8.35 -29.24
N GLY A 432 -4.95 -7.74 -29.38
CA GLY A 432 -4.75 -6.57 -30.24
C GLY A 432 -5.38 -5.28 -29.69
N VAL A 433 -5.99 -5.32 -28.50
CA VAL A 433 -6.58 -4.13 -27.87
C VAL A 433 -5.47 -3.20 -27.41
N LYS A 434 -5.58 -1.91 -27.73
CA LYS A 434 -4.66 -0.87 -27.28
C LYS A 434 -5.24 -0.09 -26.11
N ILE A 435 -4.40 0.16 -25.12
CA ILE A 435 -4.73 1.08 -24.02
C ILE A 435 -4.51 2.51 -24.53
N GLN A 436 -5.40 3.44 -24.17
CA GLN A 436 -5.23 4.84 -24.53
C GLN A 436 -3.99 5.43 -23.85
N ASP A 437 -3.14 6.13 -24.60
CA ASP A 437 -1.90 6.75 -24.06
C ASP A 437 -2.18 7.65 -22.84
N LYS A 438 -3.34 8.32 -22.81
CA LYS A 438 -3.79 9.11 -21.65
C LYS A 438 -3.89 8.28 -20.36
N VAL A 439 -4.45 7.08 -20.44
CA VAL A 439 -4.59 6.16 -19.29
C VAL A 439 -3.19 5.66 -18.88
N ILE A 440 -2.34 5.34 -19.85
CA ILE A 440 -0.94 4.92 -19.59
C ILE A 440 -0.18 6.02 -18.83
N ILE A 441 -0.23 7.26 -19.30
CA ILE A 441 0.43 8.41 -18.68
C ILE A 441 -0.12 8.69 -17.27
N GLN A 442 -1.43 8.57 -17.08
CA GLN A 442 -2.05 8.74 -15.76
C GLN A 442 -1.53 7.70 -14.76
N HIS A 443 -1.43 6.43 -15.16
CA HIS A 443 -0.89 5.37 -14.30
C HIS A 443 0.62 5.50 -14.09
N PHE A 444 1.38 5.98 -15.08
CA PHE A 444 2.80 6.30 -14.92
C PHE A 444 3.00 7.29 -13.76
N TRP A 445 2.29 8.43 -13.80
CA TRP A 445 2.40 9.44 -12.74
C TRP A 445 1.94 8.91 -11.39
N ARG A 446 0.92 8.05 -11.36
CA ARG A 446 0.46 7.41 -10.13
C ARG A 446 1.56 6.57 -9.47
N PHE A 447 2.23 5.71 -10.23
CA PHE A 447 3.33 4.89 -9.71
C PHE A 447 4.56 5.76 -9.36
N PHE A 448 4.94 6.68 -10.26
CA PHE A 448 6.07 7.59 -10.05
C PHE A 448 5.93 8.46 -8.79
N ASN A 449 4.73 8.95 -8.50
CA ASN A 449 4.48 9.82 -7.34
C ASN A 449 4.44 9.05 -6.00
N ILE A 450 4.21 7.74 -6.04
CA ILE A 450 4.15 6.87 -4.84
C ILE A 450 5.53 6.31 -4.49
N ALA A 451 6.42 6.15 -5.48
CA ALA A 451 7.74 5.61 -5.30
C ALA A 451 8.52 6.23 -4.13
N SER A 452 9.13 5.36 -3.33
CA SER A 452 9.81 5.76 -2.09
C SER A 452 11.16 6.42 -2.34
N ASN A 453 11.83 5.99 -3.41
CA ASN A 453 13.12 6.47 -3.86
C ASN A 453 13.22 6.31 -5.39
N GLY A 454 14.27 6.86 -5.98
CA GLY A 454 14.44 6.88 -7.42
C GLY A 454 15.00 5.63 -8.06
N SER A 455 15.45 4.65 -7.28
CA SER A 455 16.12 3.48 -7.83
C SER A 455 15.14 2.68 -8.69
N LEU A 456 15.60 2.23 -9.86
CA LEU A 456 14.88 1.27 -10.69
C LEU A 456 14.68 -0.10 -10.01
N SER A 457 15.28 -0.30 -8.83
CA SER A 457 14.99 -1.45 -7.99
C SER A 457 13.69 -1.31 -7.17
N ASP A 458 13.22 -0.08 -6.92
CA ASP A 458 11.99 0.23 -6.20
C ASP A 458 10.76 -0.32 -6.97
N PRO A 459 9.82 -1.01 -6.29
CA PRO A 459 8.68 -1.64 -6.95
C PRO A 459 7.81 -0.66 -7.76
N ASP A 460 7.60 0.55 -7.25
CA ASP A 460 6.77 1.55 -7.92
C ASP A 460 7.53 2.19 -9.10
N MET A 461 8.85 2.37 -8.98
CA MET A 461 9.68 2.76 -10.14
C MET A 461 9.70 1.71 -11.24
N LYS A 462 9.76 0.42 -10.87
CA LYS A 462 9.59 -0.69 -11.83
C LYS A 462 8.22 -0.63 -12.50
N ASN A 463 7.15 -0.43 -11.73
CA ASN A 463 5.79 -0.32 -12.27
C ASN A 463 5.62 0.90 -13.18
N ALA A 464 6.21 2.04 -12.83
CA ALA A 464 6.23 3.24 -13.68
C ALA A 464 6.97 2.96 -15.01
N ASN A 465 8.14 2.32 -14.96
CA ASN A 465 8.90 1.94 -16.15
C ASN A 465 8.14 0.94 -17.04
N ARG A 466 7.52 -0.05 -16.41
CA ARG A 466 6.69 -1.04 -17.14
C ARG A 466 5.54 -0.31 -17.84
N THR A 467 4.88 0.61 -17.12
CA THR A 467 3.76 1.40 -17.65
C THR A 467 4.18 2.17 -18.91
N LEU A 468 5.36 2.82 -18.91
CA LEU A 468 5.86 3.50 -20.13
C LEU A 468 6.14 2.54 -21.28
N ASN A 469 6.53 1.29 -21.01
CA ASN A 469 6.77 0.31 -22.08
C ASN A 469 5.51 -0.10 -22.86
N LEU A 470 4.31 0.24 -22.35
CA LEU A 470 3.03 0.03 -23.04
C LEU A 470 2.71 1.13 -24.07
N LEU A 471 3.44 2.26 -24.06
CA LEU A 471 3.21 3.36 -24.99
C LEU A 471 3.53 2.91 -26.42
N SER A 472 2.60 3.19 -27.34
CA SER A 472 2.76 2.84 -28.75
C SER A 472 3.82 3.68 -29.46
N ASN A 473 4.00 4.93 -29.02
CA ASN A 473 5.00 5.85 -29.55
C ASN A 473 5.87 6.41 -28.41
N LYS A 474 7.03 5.78 -28.20
CA LYS A 474 7.97 6.17 -27.13
C LYS A 474 8.59 7.56 -27.36
N GLU A 475 8.77 7.97 -28.61
CA GLU A 475 9.41 9.25 -28.96
C GLU A 475 8.57 10.45 -28.53
N THR A 476 7.24 10.33 -28.58
CA THR A 476 6.32 11.43 -28.21
C THR A 476 6.39 11.76 -26.72
N HIS A 477 6.84 10.81 -25.90
CA HIS A 477 6.93 10.93 -24.45
C HIS A 477 8.34 10.64 -23.95
N SER A 478 9.37 10.96 -24.75
CA SER A 478 10.78 10.70 -24.42
C SER A 478 11.17 11.27 -23.04
N ASN A 479 10.64 12.45 -22.71
CA ASN A 479 10.89 13.14 -21.44
C ASN A 479 10.52 12.29 -20.20
N LEU A 480 9.53 11.40 -20.30
CA LEU A 480 9.18 10.52 -19.17
C LEU A 480 10.25 9.46 -18.91
N TYR A 481 10.92 8.97 -19.96
CA TYR A 481 12.06 8.07 -19.83
C TYR A 481 13.30 8.81 -19.31
N ASP A 482 13.51 10.05 -19.75
CA ASP A 482 14.58 10.92 -19.24
C ASP A 482 14.40 11.18 -17.74
N ILE A 483 13.16 11.43 -17.30
CA ILE A 483 12.80 11.59 -15.87
C ILE A 483 13.12 10.31 -15.08
N LEU A 484 12.75 9.12 -15.57
CA LEU A 484 13.08 7.87 -14.90
C LEU A 484 14.60 7.69 -14.76
N THR A 485 15.36 8.03 -15.80
CA THR A 485 16.82 7.86 -15.86
C THR A 485 17.53 8.79 -14.87
N ILE A 486 17.19 10.08 -14.85
CA ILE A 486 17.84 11.04 -13.94
C ILE A 486 17.49 10.76 -12.48
N VAL A 487 16.25 10.35 -12.19
CA VAL A 487 15.82 10.02 -10.82
C VAL A 487 16.55 8.78 -10.29
N ASP A 488 16.79 7.77 -11.13
CA ASP A 488 17.64 6.62 -10.79
C ASP A 488 19.08 7.07 -10.53
N ARG A 489 19.67 7.89 -11.39
CA ARG A 489 21.02 8.44 -11.20
C ARG A 489 21.14 9.22 -9.90
N LEU A 490 20.18 10.11 -9.60
CA LEU A 490 20.14 10.87 -8.35
C LEU A 490 20.03 9.98 -7.11
N SER A 491 19.39 8.81 -7.21
CA SER A 491 19.25 7.86 -6.09
C SER A 491 20.58 7.22 -5.65
N HIS A 492 21.61 7.27 -6.50
CA HIS A 492 22.95 6.77 -6.18
C HIS A 492 23.79 7.77 -5.35
N TYR A 493 23.27 8.98 -5.15
CA TYR A 493 23.93 10.02 -4.36
C TYR A 493 23.15 10.33 -3.09
N SER A 494 23.84 10.85 -2.09
CA SER A 494 23.20 11.39 -0.89
C SER A 494 22.45 12.67 -1.28
N LEU A 495 21.11 12.62 -1.29
CA LEU A 495 20.26 13.75 -1.62
C LEU A 495 19.09 13.83 -0.64
N SER A 496 18.81 15.04 -0.14
CA SER A 496 17.64 15.33 0.70
C SER A 496 16.85 16.47 0.09
N PHE A 497 15.53 16.36 0.12
CA PHE A 497 14.67 17.41 -0.43
C PHE A 497 14.69 18.65 0.46
N LYS A 498 14.40 18.43 1.74
CA LYS A 498 14.54 19.39 2.83
C LYS A 498 15.31 18.71 3.96
N ARG A 499 15.81 19.50 4.92
CA ARG A 499 16.58 18.96 6.05
C ARG A 499 15.78 17.87 6.77
N GLY A 500 16.29 16.64 6.75
CA GLY A 500 15.63 15.48 7.35
C GLY A 500 14.53 14.82 6.50
N MET A 501 14.27 15.29 5.28
CA MET A 501 13.29 14.71 4.37
C MET A 501 14.01 14.07 3.15
N PRO A 502 13.91 12.74 2.96
CA PRO A 502 14.50 12.06 1.80
C PRO A 502 13.99 12.62 0.48
N PHE A 503 14.84 12.60 -0.54
CA PHE A 503 14.43 12.96 -1.88
C PHE A 503 13.58 11.82 -2.49
N LYS A 504 12.33 12.13 -2.85
CA LYS A 504 11.44 11.24 -3.60
C LYS A 504 11.46 11.64 -5.08
N PRO A 505 11.20 10.70 -6.01
CA PRO A 505 11.02 10.98 -7.43
C PRO A 505 10.10 12.16 -7.71
N ALA A 506 8.96 12.22 -7.01
CA ALA A 506 7.96 13.28 -7.15
C ALA A 506 8.53 14.71 -6.96
N HIS A 507 9.55 14.87 -6.10
CA HIS A 507 10.12 16.18 -5.77
C HIS A 507 10.93 16.78 -6.93
N ILE A 508 11.34 15.99 -7.94
CA ILE A 508 12.15 16.50 -9.06
C ILE A 508 11.44 17.64 -9.80
N SER A 509 10.11 17.57 -9.87
CA SER A 509 9.27 18.58 -10.51
C SER A 509 9.32 19.95 -9.82
N GLU A 510 9.62 20.00 -8.51
CA GLU A 510 9.74 21.23 -7.74
C GLU A 510 11.01 22.02 -8.08
N PHE A 511 12.04 21.33 -8.62
CA PHE A 511 13.30 21.94 -9.02
C PHE A 511 13.30 22.42 -10.48
N LYS A 512 12.17 22.33 -11.19
CA LYS A 512 12.07 22.78 -12.59
C LYS A 512 12.46 24.25 -12.81
N ALA A 513 12.17 25.12 -11.85
CA ALA A 513 12.53 26.54 -11.94
C ALA A 513 14.02 26.83 -11.68
N ASN A 514 14.70 25.97 -10.91
CA ASN A 514 16.13 26.09 -10.63
C ASN A 514 16.78 24.70 -10.48
N PRO A 515 17.08 23.99 -11.59
CA PRO A 515 17.70 22.67 -11.52
C PRO A 515 19.08 22.68 -10.85
N MET A 516 19.76 23.84 -10.83
CA MET A 516 21.06 24.01 -10.18
C MET A 516 21.01 23.72 -8.67
N GLU A 517 19.87 23.94 -8.01
CA GLU A 517 19.73 23.66 -6.58
C GLU A 517 19.93 22.16 -6.25
N ILE A 518 19.57 21.25 -7.17
CA ILE A 518 19.87 19.82 -7.00
C ILE A 518 21.39 19.61 -6.98
N VAL A 519 22.11 20.26 -7.90
CA VAL A 519 23.56 20.14 -7.99
C VAL A 519 24.26 20.75 -6.78
N GLU A 520 23.80 21.91 -6.30
CA GLU A 520 24.26 22.54 -5.05
C GLU A 520 24.13 21.55 -3.87
N LYS A 521 22.95 20.92 -3.69
CA LYS A 521 22.74 19.91 -2.64
C LYS A 521 23.62 18.67 -2.82
N LEU A 522 23.85 18.23 -4.06
CA LEU A 522 24.73 17.10 -4.35
C LEU A 522 26.18 17.41 -3.94
N LEU A 523 26.68 18.62 -4.22
CA LEU A 523 28.03 19.06 -3.85
C LEU A 523 28.23 19.10 -2.32
N ASP A 524 27.22 19.55 -1.58
CA ASP A 524 27.24 19.60 -0.12
C ASP A 524 27.28 18.20 0.52
N LEU A 525 26.45 17.29 0.02
CA LEU A 525 26.21 15.97 0.63
C LEU A 525 27.16 14.86 0.10
N ASN A 526 27.85 15.07 -1.02
CA ASN A 526 28.71 14.07 -1.64
C ASN A 526 30.12 14.63 -1.90
N PRO A 527 31.04 14.55 -0.92
CA PRO A 527 32.39 15.12 -1.03
C PRO A 527 33.18 14.67 -2.27
N LYS A 528 32.92 13.45 -2.78
CA LYS A 528 33.56 12.91 -3.99
C LYS A 528 33.18 13.65 -5.27
N LEU A 529 32.03 14.33 -5.30
CA LEU A 529 31.59 15.10 -6.47
C LEU A 529 32.28 16.46 -6.59
N ARG A 530 32.84 17.00 -5.49
CA ARG A 530 33.41 18.37 -5.47
C ARG A 530 34.54 18.62 -6.47
N LYS A 531 35.26 17.57 -6.87
CA LYS A 531 36.33 17.64 -7.88
C LYS A 531 35.92 17.09 -9.24
N ASN A 532 34.68 16.62 -9.39
CA ASN A 532 34.20 15.94 -10.57
C ASN A 532 33.17 16.78 -11.32
N ILE A 533 33.66 17.88 -11.90
CA ILE A 533 32.85 18.87 -12.63
C ILE A 533 32.17 18.24 -13.85
N GLU A 534 32.83 17.30 -14.52
CA GLU A 534 32.25 16.60 -15.68
C GLU A 534 30.96 15.86 -15.28
N VAL A 535 31.00 15.11 -14.17
CA VAL A 535 29.84 14.35 -13.69
C VAL A 535 28.70 15.26 -13.28
N THR A 536 28.97 16.35 -12.55
CA THR A 536 27.93 17.29 -12.13
C THR A 536 27.36 18.08 -13.30
N PHE A 537 28.17 18.38 -14.32
CA PHE A 537 27.71 19.01 -15.56
C PHE A 537 26.82 18.06 -16.37
N ASP A 538 27.17 16.77 -16.43
CA ASP A 538 26.32 15.75 -17.06
C ASP A 538 24.98 15.61 -16.33
N ILE A 539 24.97 15.59 -15.00
CA ILE A 539 23.74 15.57 -14.20
C ILE A 539 22.89 16.82 -14.50
N LEU A 540 23.51 18.00 -14.60
CA LEU A 540 22.81 19.25 -14.90
C LEU A 540 22.16 19.21 -16.29
N LYS A 541 22.88 18.75 -17.32
CA LYS A 541 22.33 18.59 -18.69
C LYS A 541 21.18 17.59 -18.73
N GLU A 542 21.28 16.48 -18.01
CA GLU A 542 20.20 15.49 -17.88
C GLU A 542 18.96 16.07 -17.17
N LEU A 543 19.15 16.86 -16.11
CA LEU A 543 18.06 17.57 -15.42
C LEU A 543 17.32 18.54 -16.35
N TYR A 544 18.05 19.36 -17.13
CA TYR A 544 17.44 20.28 -18.09
C TYR A 544 16.62 19.53 -19.15
N THR A 545 17.15 18.41 -19.64
CA THR A 545 16.46 17.56 -20.63
C THR A 545 15.18 16.97 -20.05
N ALA A 546 15.28 16.30 -18.89
CA ALA A 546 14.15 15.64 -18.24
C ALA A 546 13.04 16.62 -17.81
N LEU A 547 13.41 17.81 -17.32
CA LEU A 547 12.47 18.83 -16.85
C LEU A 547 11.95 19.75 -17.98
N GLN A 548 12.44 19.55 -19.21
CA GLN A 548 12.13 20.38 -20.38
C GLN A 548 12.43 21.86 -20.11
N VAL A 549 13.60 22.12 -19.55
CA VAL A 549 14.11 23.47 -19.29
C VAL A 549 15.03 23.85 -20.45
N THR A 550 14.82 25.04 -21.01
CA THR A 550 15.64 25.55 -22.11
C THR A 550 16.94 26.14 -21.56
N PRO A 551 18.13 25.64 -21.95
CA PRO A 551 19.41 26.22 -21.55
C PRO A 551 19.67 27.55 -22.25
N SER A 552 20.64 28.32 -21.74
CA SER A 552 21.02 29.64 -22.25
C SER A 552 21.47 29.62 -23.71
N ASP A 553 22.25 28.61 -24.08
CA ASP A 553 22.65 28.29 -25.44
C ASP A 553 22.84 26.76 -25.58
N LYS A 554 23.23 26.31 -26.78
CA LYS A 554 23.40 24.89 -27.07
C LYS A 554 24.51 24.22 -26.24
N ASP A 555 25.48 25.01 -25.79
CA ASP A 555 26.66 24.54 -25.05
C ASP A 555 26.51 24.72 -23.54
N PHE A 556 25.34 25.18 -23.08
CA PHE A 556 25.05 25.46 -21.67
C PHE A 556 26.06 26.45 -21.09
N THR A 557 26.46 27.47 -21.85
CA THR A 557 27.59 28.34 -21.47
C THR A 557 27.37 29.01 -20.12
N LYS A 558 26.21 29.66 -19.91
CA LYS A 558 25.93 30.32 -18.63
C LYS A 558 25.74 29.33 -17.50
N GLU A 559 25.09 28.19 -17.76
CA GLU A 559 24.86 27.14 -16.78
C GLU A 559 26.18 26.51 -16.32
N TYR A 560 27.12 26.28 -17.24
CA TYR A 560 28.46 25.77 -16.93
C TYR A 560 29.27 26.77 -16.11
N SER A 561 29.21 28.07 -16.42
CA SER A 561 29.87 29.11 -15.63
C SER A 561 29.34 29.16 -14.21
N LYS A 562 28.00 29.10 -14.05
CA LYS A 562 27.36 29.01 -12.73
C LYS A 562 27.77 27.73 -12.00
N LEU A 563 27.77 26.58 -12.68
CA LEU A 563 28.20 25.31 -12.10
C LEU A 563 29.65 25.36 -11.59
N LEU A 564 30.55 25.95 -12.38
CA LEU A 564 31.96 26.12 -12.02
C LEU A 564 32.10 27.03 -10.80
N SER A 565 31.31 28.13 -10.76
CA SER A 565 31.21 29.03 -9.61
C SER A 565 30.77 28.28 -8.34
N GLU A 566 29.77 27.39 -8.42
CA GLU A 566 29.31 26.59 -7.27
C GLU A 566 30.37 25.58 -6.80
N HIS A 567 31.13 24.98 -7.72
CA HIS A 567 32.26 24.12 -7.35
C HIS A 567 33.32 24.91 -6.60
N ILE A 568 33.73 26.08 -7.12
CA ILE A 568 34.74 26.94 -6.47
C ILE A 568 34.29 27.33 -5.07
N ASN A 569 33.05 27.79 -4.91
CA ASN A 569 32.49 28.15 -3.61
C ASN A 569 32.52 26.96 -2.62
N ASN A 570 32.13 25.76 -3.08
CA ASN A 570 32.12 24.56 -2.24
C ASN A 570 33.55 24.10 -1.88
N LEU A 571 34.50 24.18 -2.81
CA LEU A 571 35.91 23.84 -2.58
C LEU A 571 36.56 24.77 -1.54
N LEU A 572 36.34 26.09 -1.65
CA LEU A 572 36.80 27.07 -0.68
C LEU A 572 36.20 26.81 0.71
N ALA A 573 34.90 26.52 0.78
CA ALA A 573 34.23 26.17 2.04
C ALA A 573 34.77 24.89 2.70
N ASN A 574 35.46 24.03 1.94
CA ASN A 574 36.01 22.76 2.40
C ASN A 574 37.55 22.72 2.44
N GLY A 575 38.23 23.86 2.37
CA GLY A 575 39.67 23.94 2.55
C GLY A 575 40.52 23.55 1.33
N ASP A 576 39.93 23.30 0.17
CA ASP A 576 40.65 22.86 -1.02
C ASP A 576 41.02 24.03 -1.93
N PHE A 577 41.91 24.89 -1.43
CA PHE A 577 42.34 26.09 -2.15
C PHE A 577 42.98 25.77 -3.51
N LYS A 578 43.80 24.70 -3.59
CA LYS A 578 44.47 24.31 -4.86
C LYS A 578 43.44 24.13 -5.96
N PHE A 579 42.48 23.24 -5.74
CA PHE A 579 41.53 22.91 -6.79
C PHE A 579 40.56 24.07 -7.04
N ALA A 580 40.18 24.84 -6.01
CA ALA A 580 39.41 26.07 -6.19
C ALA A 580 40.15 27.08 -7.09
N PHE A 581 41.46 27.25 -6.90
CA PHE A 581 42.30 28.13 -7.70
C PHE A 581 42.38 27.66 -9.16
N ASP A 582 42.68 26.38 -9.40
CA ASP A 582 42.75 25.82 -10.74
C ASP A 582 41.44 26.05 -11.51
N GLN A 583 40.29 25.88 -10.85
CA GLN A 583 38.99 26.12 -11.47
C GLN A 583 38.63 27.59 -11.61
N ALA A 584 39.12 28.46 -10.73
CA ALA A 584 38.92 29.89 -10.86
C ALA A 584 39.74 30.48 -12.01
N ILE A 585 40.91 29.91 -12.35
CA ILE A 585 41.63 30.21 -13.60
C ILE A 585 40.81 29.78 -14.83
N ASN A 586 40.11 28.65 -14.78
CA ASN A 586 39.20 28.28 -15.87
C ASN A 586 37.99 29.22 -15.95
N LEU A 587 37.43 29.65 -14.82
CA LEU A 587 36.28 30.55 -14.76
C LEU A 587 36.60 31.94 -15.28
N ILE A 588 37.78 32.49 -14.94
CA ILE A 588 38.17 33.87 -15.30
C ILE A 588 38.39 34.06 -16.80
N GLU A 589 38.66 32.98 -17.53
CA GLU A 589 38.86 32.98 -18.99
C GLU A 589 37.54 32.84 -19.75
N ARG A 590 36.41 32.69 -19.05
CA ARG A 590 35.09 32.54 -19.68
C ARG A 590 34.51 33.89 -20.10
N PRO A 591 33.72 33.94 -21.20
CA PRO A 591 33.13 35.19 -21.70
C PRO A 591 32.23 35.91 -20.67
N ASP A 592 31.59 35.16 -19.78
CA ASP A 592 30.65 35.63 -18.76
C ASP A 592 31.26 35.66 -17.35
N ALA A 593 32.60 35.55 -17.23
CA ALA A 593 33.32 35.57 -15.95
C ALA A 593 32.99 36.78 -15.07
N ALA A 594 32.69 37.93 -15.69
CA ALA A 594 32.30 39.15 -14.98
C ALA A 594 31.04 38.97 -14.13
N GLU A 595 30.09 38.09 -14.51
CA GLU A 595 28.89 37.79 -13.72
C GLU A 595 29.25 37.03 -12.42
N HIS A 596 30.39 36.34 -12.39
CA HIS A 596 30.87 35.49 -11.29
C HIS A 596 32.06 36.10 -10.52
N TRP A 597 32.30 37.40 -10.66
CA TRP A 597 33.45 38.10 -10.06
C TRP A 597 33.57 37.88 -8.54
N VAL A 598 32.43 37.74 -7.82
CA VAL A 598 32.41 37.53 -6.37
C VAL A 598 33.08 36.22 -5.98
N THR A 599 32.83 35.13 -6.72
CA THR A 599 33.45 33.84 -6.47
C THR A 599 34.95 33.88 -6.76
N ILE A 600 35.35 34.56 -7.84
CA ILE A 600 36.78 34.75 -8.16
C ILE A 600 37.46 35.60 -7.07
N PHE A 601 36.81 36.66 -6.60
CA PHE A 601 37.31 37.50 -5.51
C PHE A 601 37.45 36.71 -4.20
N GLN A 602 36.53 35.79 -3.92
CA GLN A 602 36.61 34.90 -2.76
C GLN A 602 37.86 34.03 -2.76
N VAL A 603 38.32 33.56 -3.93
CA VAL A 603 39.61 32.85 -4.05
C VAL A 603 40.77 33.79 -3.70
N GLY A 604 40.75 35.02 -4.22
CA GLY A 604 41.78 36.03 -3.96
C GLY A 604 41.90 36.51 -2.51
N LYS A 605 40.85 36.32 -1.70
CA LYS A 605 40.83 36.69 -0.26
C LYS A 605 40.76 35.48 0.68
N TYR A 606 40.89 34.26 0.15
CA TYR A 606 40.73 33.05 0.95
C TYR A 606 41.77 32.97 2.07
N ILE A 607 41.34 32.61 3.27
CA ILE A 607 42.21 32.36 4.42
C ILE A 607 41.84 31.01 4.99
N ASP A 608 42.80 30.09 5.08
CA ASP A 608 42.60 28.81 5.78
C ASP A 608 42.98 28.97 7.26
N PRO A 609 42.06 28.71 8.21
CA PRO A 609 42.38 28.76 9.63
C PRO A 609 43.40 27.71 10.08
N ASN A 610 43.72 26.71 9.24
CA ASN A 610 44.72 25.68 9.54
C ASN A 610 46.12 26.01 9.00
N TRP A 611 46.31 27.16 8.34
CA TRP A 611 47.65 27.60 7.95
C TRP A 611 48.52 27.92 9.16
N LEU A 612 49.84 27.72 9.02
CA LEU A 612 50.81 27.93 10.10
C LEU A 612 50.75 29.38 10.61
N ASP A 613 50.60 29.56 11.92
CA ASP A 613 50.40 30.88 12.57
C ASP A 613 49.20 31.69 12.04
N ALA A 614 48.26 31.04 11.35
CA ALA A 614 47.18 31.69 10.60
C ALA A 614 47.69 32.68 9.53
N GLU A 615 48.95 32.52 9.10
CA GLU A 615 49.55 33.32 8.04
C GLU A 615 49.38 32.65 6.69
N ILE A 616 49.08 33.46 5.67
CA ILE A 616 48.92 32.98 4.30
C ILE A 616 50.26 32.42 3.82
N PRO A 617 50.40 31.19 3.31
CA PRO A 617 51.68 30.73 2.77
C PRO A 617 52.17 31.61 1.60
N THR A 618 53.47 31.83 1.47
CA THR A 618 54.02 32.86 0.54
C THR A 618 53.67 32.57 -0.91
N GLU A 619 53.72 31.29 -1.25
CA GLU A 619 53.26 30.71 -2.49
C GLU A 619 51.79 31.06 -2.81
N ILE A 620 50.94 30.99 -1.80
CA ILE A 620 49.51 31.30 -1.92
C ILE A 620 49.31 32.79 -2.12
N ILE A 621 50.13 33.64 -1.50
CA ILE A 621 50.08 35.09 -1.75
C ILE A 621 50.34 35.39 -3.22
N TYR A 622 51.36 34.77 -3.84
CA TYR A 622 51.59 34.93 -5.28
C TYR A 622 50.42 34.46 -6.14
N LEU A 623 49.77 33.36 -5.78
CA LEU A 623 48.57 32.88 -6.47
C LEU A 623 47.38 33.84 -6.28
N GLN A 624 47.16 34.35 -5.08
CA GLN A 624 46.07 35.27 -4.78
C GLN A 624 46.26 36.61 -5.47
N LEU A 625 47.47 37.18 -5.44
CA LEU A 625 47.83 38.29 -6.29
C LEU A 625 47.52 37.92 -7.76
N GLY A 626 47.98 36.73 -8.19
CA GLY A 626 47.74 35.98 -9.44
C GLY A 626 46.32 36.09 -10.02
N ILE A 627 45.34 35.89 -9.18
CA ILE A 627 43.95 35.88 -9.60
C ILE A 627 43.27 37.24 -9.43
N VAL A 628 43.63 37.99 -8.39
CA VAL A 628 43.04 39.29 -8.08
C VAL A 628 43.33 40.30 -9.19
N SER A 629 44.51 40.32 -9.80
CA SER A 629 44.76 41.30 -10.87
C SER A 629 44.36 40.83 -12.26
N LYS A 630 44.16 39.52 -12.50
CA LYS A 630 43.32 39.10 -13.63
C LYS A 630 41.88 39.56 -13.45
N LEU A 631 41.35 39.51 -12.21
CA LEU A 631 39.99 39.93 -11.89
C LEU A 631 39.79 41.45 -12.09
N LEU A 632 40.82 42.26 -11.82
CA LEU A 632 40.81 43.71 -12.11
C LEU A 632 40.53 44.04 -13.59
N HIS A 633 40.80 43.13 -14.53
CA HIS A 633 40.53 43.36 -15.95
C HIS A 633 39.07 43.07 -16.37
N ILE A 634 38.26 42.40 -15.53
CA ILE A 634 36.91 41.93 -15.91
C ILE A 634 35.80 42.30 -14.91
N CYS A 635 36.15 42.66 -13.68
CA CYS A 635 35.15 42.96 -12.65
C CYS A 635 34.36 44.24 -12.97
N PRO A 636 33.16 44.41 -12.40
CA PRO A 636 32.43 45.66 -12.54
C PRO A 636 33.24 46.84 -11.99
N GLU A 637 33.33 47.94 -12.73
CA GLU A 637 34.15 49.13 -12.37
C GLU A 637 33.92 49.62 -10.92
N LYS A 638 32.67 49.52 -10.44
CA LYS A 638 32.28 49.87 -9.06
C LYS A 638 32.99 49.06 -7.96
N GLU A 639 33.56 47.90 -8.28
CA GLU A 639 34.24 47.01 -7.33
C GLU A 639 35.77 47.14 -7.37
N TYR A 640 36.31 47.99 -8.25
CA TYR A 640 37.76 48.16 -8.45
C TYR A 640 38.50 48.50 -7.14
N GLU A 641 37.92 49.36 -6.30
CA GLU A 641 38.54 49.79 -5.04
C GLU A 641 38.75 48.62 -4.07
N VAL A 642 37.73 47.78 -3.88
CA VAL A 642 37.78 46.62 -2.98
C VAL A 642 38.77 45.56 -3.48
N ILE A 643 38.76 45.30 -4.79
CA ILE A 643 39.64 44.30 -5.42
C ILE A 643 41.10 44.79 -5.38
N THR A 644 41.34 46.08 -5.63
CA THR A 644 42.68 46.68 -5.53
C THR A 644 43.19 46.71 -4.10
N SER A 645 42.32 46.98 -3.11
CA SER A 645 42.70 46.95 -1.70
C SER A 645 43.16 45.55 -1.25
N GLN A 646 42.51 44.48 -1.70
CA GLN A 646 42.97 43.11 -1.41
C GLN A 646 44.33 42.84 -2.07
N TRP A 647 44.51 43.28 -3.31
CA TRP A 647 45.78 43.15 -4.01
C TRP A 647 46.92 43.85 -3.27
N SER A 648 46.73 45.12 -2.87
CA SER A 648 47.73 45.88 -2.13
C SER A 648 48.03 45.29 -0.75
N GLY A 649 47.04 44.72 -0.05
CA GLY A 649 47.27 44.05 1.23
C GLY A 649 48.16 42.81 1.10
N LEU A 650 47.93 42.00 0.06
CA LEU A 650 48.76 40.84 -0.27
C LEU A 650 50.18 41.24 -0.70
N GLU A 651 50.32 42.32 -1.47
CA GLU A 651 51.62 42.83 -1.93
C GLU A 651 52.44 43.38 -0.74
N LEU A 652 51.80 44.12 0.15
CA LEU A 652 52.42 44.60 1.37
C LEU A 652 52.87 43.43 2.26
N GLU A 653 52.03 42.43 2.49
CA GLU A 653 52.38 41.24 3.26
C GLU A 653 53.57 40.51 2.64
N LEU A 654 53.57 40.32 1.31
CA LEU A 654 54.68 39.71 0.58
C LEU A 654 55.99 40.49 0.78
N SER A 655 55.94 41.82 0.80
CA SER A 655 57.10 42.69 0.99
C SER A 655 57.74 42.56 2.38
N THR A 656 56.99 42.08 3.39
CA THR A 656 57.51 41.86 4.74
C THR A 656 58.29 40.55 4.89
N ARG A 657 58.16 39.62 3.93
CA ARG A 657 58.73 38.28 4.04
C ARG A 657 60.18 38.24 3.64
N ASN A 658 60.98 37.55 4.46
CA ASN A 658 62.33 37.20 4.06
C ASN A 658 62.28 35.95 3.17
N LEU A 659 62.16 36.18 1.86
CA LEU A 659 62.12 35.12 0.85
C LEU A 659 63.34 34.19 0.86
N ILE A 660 64.45 34.56 1.52
CA ILE A 660 65.64 33.72 1.66
C ILE A 660 65.48 32.69 2.79
N SER A 661 64.82 33.08 3.87
CA SER A 661 64.58 32.23 5.03
C SER A 661 63.09 32.28 5.38
N ASP A 662 62.27 31.83 4.44
CA ASP A 662 60.84 32.03 4.53
C ASP A 662 60.18 31.00 5.45
N LYS A 663 59.78 31.47 6.62
CA LYS A 663 59.09 30.66 7.61
C LYS A 663 57.73 30.14 7.09
N TYR A 664 57.10 30.86 6.18
CA TYR A 664 55.74 30.59 5.70
C TYR A 664 55.73 29.98 4.29
N SER A 665 56.90 29.68 3.74
CA SER A 665 56.98 28.90 2.50
C SER A 665 56.41 27.51 2.73
N ASP B 9 -58.45 -37.84 35.76
CA ASP B 9 -59.17 -36.74 36.39
C ASP B 9 -60.07 -36.05 35.36
N THR B 10 -59.52 -35.64 34.19
CA THR B 10 -60.33 -35.09 33.08
C THR B 10 -61.41 -36.08 32.63
N LEU B 11 -61.09 -37.37 32.49
CA LEU B 11 -62.06 -38.38 32.08
C LEU B 11 -63.17 -38.58 33.12
N SER B 12 -62.82 -38.65 34.42
CA SER B 12 -63.78 -38.76 35.53
C SER B 12 -64.70 -37.55 35.58
N ASP B 13 -64.17 -36.34 35.42
CA ASP B 13 -64.97 -35.13 35.39
C ASP B 13 -65.90 -35.07 34.18
N GLN B 14 -65.44 -35.50 33.00
CA GLN B 14 -66.28 -35.55 31.80
C GLN B 14 -67.38 -36.60 31.93
N LEU B 15 -67.07 -37.81 32.44
CA LEU B 15 -68.07 -38.85 32.73
C LEU B 15 -69.10 -38.35 33.74
N ARG B 16 -68.65 -37.71 34.83
CA ARG B 16 -69.53 -37.15 35.87
C ARG B 16 -70.45 -36.07 35.31
N LYS B 17 -69.91 -35.13 34.52
CA LYS B 17 -70.69 -34.05 33.87
C LYS B 17 -71.73 -34.60 32.92
N ASN B 18 -71.33 -35.50 32.01
CA ASN B 18 -72.24 -36.12 31.06
C ASN B 18 -73.34 -36.89 31.80
N TYR B 19 -72.99 -37.67 32.81
CA TYR B 19 -73.95 -38.46 33.58
C TYR B 19 -75.01 -37.62 34.27
N TYR B 20 -74.61 -36.61 35.05
CA TYR B 20 -75.59 -35.76 35.74
C TYR B 20 -76.42 -34.91 34.78
N ARG B 21 -75.85 -34.48 33.64
CA ARG B 21 -76.60 -33.84 32.56
C ARG B 21 -77.68 -34.80 32.04
N ASP B 22 -77.31 -36.01 31.67
CA ASP B 22 -78.23 -36.97 31.07
C ASP B 22 -79.31 -37.42 32.07
N LEU B 23 -78.97 -37.58 33.36
CA LEU B 23 -79.96 -37.85 34.41
C LEU B 23 -80.98 -36.70 34.59
N SER B 24 -80.57 -35.45 34.33
CA SER B 24 -81.41 -34.27 34.48
C SER B 24 -82.37 -34.01 33.31
N LEU B 25 -82.21 -34.71 32.18
CA LEU B 25 -83.05 -34.54 31.00
C LEU B 25 -84.50 -34.99 31.23
N PHE B 26 -84.72 -36.03 32.02
CA PHE B 26 -86.04 -36.55 32.37
C PHE B 26 -86.25 -36.51 33.88
N ASP B 31 -91.10 -42.90 34.16
CA ASP B 31 -90.76 -44.29 34.16
C ASP B 31 -89.27 -44.50 34.48
N PRO B 32 -88.90 -45.38 35.43
CA PRO B 32 -87.51 -45.57 35.84
C PRO B 32 -86.62 -46.16 34.74
N PHE B 33 -87.18 -46.59 33.60
CA PHE B 33 -86.45 -47.24 32.52
C PHE B 33 -85.35 -46.36 31.92
N TYR B 34 -85.61 -45.07 31.69
CA TYR B 34 -84.59 -44.17 31.14
C TYR B 34 -83.37 -44.08 32.06
N HIS B 35 -83.57 -43.74 33.34
CA HIS B 35 -82.48 -43.65 34.31
C HIS B 35 -81.79 -45.02 34.54
N TYR B 36 -82.52 -46.13 34.39
CA TYR B 36 -81.92 -47.47 34.40
C TYR B 36 -80.94 -47.67 33.24
N LEU B 37 -81.29 -47.25 32.01
CA LEU B 37 -80.39 -47.36 30.86
C LEU B 37 -79.16 -46.46 31.00
N ILE B 38 -79.34 -45.21 31.42
CA ILE B 38 -78.23 -44.26 31.60
C ILE B 38 -77.24 -44.76 32.65
N SER B 39 -77.74 -45.26 33.79
CA SER B 39 -76.89 -45.86 34.83
C SER B 39 -76.21 -47.15 34.37
N THR B 40 -76.90 -48.01 33.61
CA THR B 40 -76.31 -49.23 33.05
C THR B 40 -75.18 -48.93 32.07
N LYS B 41 -75.39 -47.96 31.16
CA LYS B 41 -74.36 -47.51 30.21
C LYS B 41 -73.11 -47.00 30.94
N LEU B 42 -73.31 -46.15 31.96
CA LEU B 42 -72.18 -45.65 32.76
C LEU B 42 -71.48 -46.77 33.54
N ALA B 43 -72.22 -47.71 34.12
CA ALA B 43 -71.63 -48.87 34.80
C ALA B 43 -70.71 -49.68 33.86
N THR B 44 -71.13 -49.87 32.60
CA THR B 44 -70.32 -50.55 31.58
C THR B 44 -69.08 -49.74 31.21
N ASN B 45 -69.20 -48.43 31.01
CA ASN B 45 -68.04 -47.56 30.79
C ASN B 45 -67.04 -47.62 31.95
N LEU B 46 -67.51 -47.51 33.19
CA LEU B 46 -66.65 -47.61 34.39
C LEU B 46 -65.96 -48.96 34.49
N ASN B 47 -66.65 -50.05 34.11
CA ASN B 47 -66.06 -51.38 34.04
C ASN B 47 -64.93 -51.46 33.01
N THR B 48 -65.06 -50.81 31.86
CA THR B 48 -63.98 -50.75 30.87
C THR B 48 -62.76 -50.01 31.40
N VAL B 49 -62.96 -48.86 32.06
CA VAL B 49 -61.86 -48.13 32.72
C VAL B 49 -61.21 -48.99 33.81
N ARG B 50 -62.03 -49.72 34.58
CA ARG B 50 -61.49 -50.62 35.64
C ARG B 50 -60.57 -51.67 34.99
N LYS B 51 -61.06 -52.35 33.94
CA LYS B 51 -60.29 -53.38 33.22
C LYS B 51 -58.98 -52.83 32.66
N LEU B 52 -58.99 -51.60 32.14
CA LEU B 52 -57.79 -50.94 31.65
C LEU B 52 -56.78 -50.69 32.78
N ALA B 53 -57.23 -50.18 33.93
CA ALA B 53 -56.37 -49.97 35.09
C ALA B 53 -55.76 -51.29 35.62
N ILE B 54 -56.56 -52.37 35.65
CA ILE B 54 -56.05 -53.70 36.03
C ILE B 54 -55.00 -54.18 35.04
N LYS B 55 -55.24 -54.02 33.72
CA LYS B 55 -54.29 -54.44 32.69
C LYS B 55 -52.97 -53.67 32.80
N ASP B 56 -53.03 -52.36 33.01
CA ASP B 56 -51.83 -51.52 33.16
C ASP B 56 -50.98 -51.96 34.36
N ASN B 57 -51.61 -52.24 35.51
CA ASN B 57 -50.93 -52.80 36.68
C ASN B 57 -50.39 -54.24 36.48
N LEU B 58 -50.93 -55.00 35.53
CA LEU B 58 -50.39 -56.33 35.18
C LEU B 58 -49.18 -56.20 34.22
N ASP B 59 -49.23 -55.25 33.29
CA ASP B 59 -48.15 -54.98 32.33
C ASP B 59 -46.95 -54.29 33.03
N ASP B 60 -47.22 -53.38 33.96
CA ASP B 60 -46.24 -52.78 34.88
C ASP B 60 -46.76 -52.84 36.33
N PRO B 61 -46.27 -53.79 37.14
CA PRO B 61 -46.63 -53.92 38.55
C PRO B 61 -46.31 -52.68 39.41
N SER B 62 -45.49 -51.75 38.91
CA SER B 62 -45.20 -50.48 39.59
C SER B 62 -46.19 -49.36 39.26
N SER B 63 -47.11 -49.58 38.32
CA SER B 63 -48.16 -48.61 37.98
C SER B 63 -49.13 -48.38 39.15
N ASP B 64 -49.51 -47.13 39.33
CA ASP B 64 -50.52 -46.68 40.28
C ASP B 64 -51.91 -46.59 39.64
N ALA B 65 -52.13 -47.21 38.46
CA ALA B 65 -53.37 -47.07 37.72
C ALA B 65 -54.59 -47.55 38.50
N ILE B 66 -54.49 -48.64 39.27
CA ILE B 66 -55.58 -49.11 40.14
C ILE B 66 -55.89 -48.09 41.24
N ASP B 67 -54.88 -47.50 41.88
CA ASP B 67 -55.07 -46.50 42.93
C ASP B 67 -55.66 -45.20 42.37
N ARG B 68 -55.19 -44.84 41.18
CA ARG B 68 -55.73 -43.64 40.47
C ARG B 68 -57.20 -43.92 40.15
N TYR B 69 -57.51 -45.12 39.66
CA TYR B 69 -58.86 -45.53 39.35
C TYR B 69 -59.76 -45.40 40.59
N GLN B 70 -59.37 -46.01 41.70
CA GLN B 70 -60.15 -45.95 42.94
C GLN B 70 -60.33 -44.51 43.42
N LYS B 71 -59.28 -43.70 43.37
CA LYS B 71 -59.34 -42.29 43.77
C LYS B 71 -60.31 -41.48 42.93
N ASN B 72 -60.33 -41.70 41.61
CA ASN B 72 -61.08 -40.86 40.68
C ASN B 72 -62.51 -41.34 40.41
N PHE B 73 -62.76 -42.65 40.50
CA PHE B 73 -64.03 -43.24 40.05
C PHE B 73 -64.86 -43.86 41.17
N SER B 74 -64.31 -44.14 42.36
CA SER B 74 -65.04 -44.83 43.45
C SER B 74 -66.39 -44.20 43.80
N ARG B 75 -66.43 -42.87 43.98
CA ARG B 75 -67.69 -42.15 44.28
C ARG B 75 -68.69 -42.22 43.14
N LEU B 76 -68.20 -42.20 41.90
CA LEU B 76 -69.05 -42.29 40.72
C LEU B 76 -69.60 -43.72 40.58
N GLU B 77 -68.76 -44.74 40.79
CA GLU B 77 -69.18 -46.14 40.84
C GLU B 77 -70.25 -46.39 41.91
N GLU B 78 -70.06 -45.86 43.13
CA GLU B 78 -71.04 -45.98 44.22
C GLU B 78 -72.37 -45.33 43.84
N SER B 79 -72.33 -44.11 43.30
CA SER B 79 -73.52 -43.39 42.86
C SER B 79 -74.27 -44.15 41.76
N VAL B 80 -73.55 -44.68 40.78
CA VAL B 80 -74.12 -45.45 39.67
C VAL B 80 -74.73 -46.76 40.16
N SER B 81 -74.02 -47.47 41.05
CA SER B 81 -74.49 -48.71 41.65
C SER B 81 -75.81 -48.48 42.43
N SER B 82 -75.88 -47.42 43.23
CA SER B 82 -77.07 -47.04 43.98
C SER B 82 -78.27 -46.70 43.08
N ILE B 83 -78.05 -45.89 42.03
CA ILE B 83 -79.10 -45.52 41.08
C ILE B 83 -79.57 -46.74 40.27
N SER B 84 -78.64 -47.55 39.77
CA SER B 84 -78.93 -48.76 39.01
C SER B 84 -79.80 -49.73 39.83
N PHE B 85 -79.43 -49.97 41.10
CA PHE B 85 -80.20 -50.80 42.01
C PHE B 85 -81.60 -50.22 42.29
N SER B 86 -81.69 -48.92 42.58
CA SER B 86 -82.97 -48.24 42.85
C SER B 86 -83.92 -48.33 41.66
N LYS B 87 -83.43 -48.05 40.44
CA LYS B 87 -84.25 -48.05 39.23
C LYS B 87 -84.63 -49.47 38.81
N ALA B 88 -83.73 -50.44 38.92
CA ALA B 88 -84.04 -51.85 38.72
C ALA B 88 -85.13 -52.34 39.71
N SER B 89 -85.04 -51.94 40.98
CA SER B 89 -86.06 -52.27 41.99
C SER B 89 -87.41 -51.63 41.67
N LYS B 90 -87.45 -50.34 41.29
CA LYS B 90 -88.67 -49.65 40.87
C LYS B 90 -89.30 -50.28 39.61
N LEU B 91 -88.48 -50.71 38.64
CA LEU B 91 -88.95 -51.43 37.44
C LEU B 91 -89.65 -52.73 37.84
N GLN B 92 -89.03 -53.53 38.72
CA GLN B 92 -89.60 -54.78 39.20
C GLN B 92 -90.91 -54.54 39.99
N GLN B 93 -90.95 -53.55 40.87
CA GLN B 93 -92.16 -53.20 41.63
C GLN B 93 -93.33 -52.79 40.73
N LYS B 94 -93.08 -51.96 39.70
CA LYS B 94 -94.11 -51.59 38.72
C LYS B 94 -94.62 -52.80 37.96
N TYR B 95 -93.74 -53.72 37.61
CA TYR B 95 -94.09 -54.97 36.93
C TYR B 95 -94.93 -55.90 37.82
N ASP B 96 -94.55 -56.08 39.08
CA ASP B 96 -95.28 -56.91 40.03
C ASP B 96 -96.69 -56.34 40.30
N ALA B 97 -96.79 -55.02 40.45
CA ALA B 97 -98.08 -54.33 40.59
C ALA B 97 -98.97 -54.49 39.35
N TYR B 98 -98.37 -54.40 38.15
CA TYR B 98 -99.06 -54.65 36.89
C TYR B 98 -99.59 -56.09 36.81
N GLN B 99 -98.76 -57.08 37.13
CA GLN B 99 -99.14 -58.50 37.14
C GLN B 99 -100.29 -58.80 38.11
N GLU B 100 -100.26 -58.26 39.33
CA GLU B 100 -101.35 -58.43 40.30
C GLU B 100 -102.66 -57.78 39.82
N SER B 101 -102.57 -56.63 39.13
CA SER B 101 -103.75 -55.99 38.53
C SER B 101 -104.38 -56.84 37.41
N GLN B 102 -103.56 -57.49 36.59
CA GLN B 102 -104.00 -58.37 35.51
C GLN B 102 -104.66 -59.64 36.07
N LYS B 103 -104.07 -60.23 37.13
CA LYS B 103 -104.68 -61.39 37.81
C LYS B 103 -106.06 -61.06 38.35
N ILE C 6 31.61 66.19 -1.38
CA ILE C 6 31.02 64.91 -1.74
C ILE C 6 30.56 65.02 -3.18
N TYR C 7 30.59 66.25 -3.70
CA TYR C 7 30.41 66.44 -5.13
C TYR C 7 31.67 66.02 -5.87
N THR C 8 32.82 66.53 -5.39
CA THR C 8 34.14 66.23 -5.95
C THR C 8 34.49 64.73 -5.89
N THR C 9 34.28 64.08 -4.74
CA THR C 9 34.35 62.60 -4.67
C THR C 9 33.47 61.93 -5.73
N LEU C 10 32.28 62.52 -5.95
CA LEU C 10 31.28 61.99 -6.93
C LEU C 10 31.96 61.74 -8.29
N LYS C 11 32.56 62.77 -8.87
CA LYS C 11 33.23 62.65 -10.20
C LYS C 11 34.56 61.82 -10.21
N PHE C 12 35.40 61.90 -9.14
CA PHE C 12 36.76 61.30 -9.13
C PHE C 12 36.72 59.77 -9.21
N GLU C 13 35.74 59.12 -8.57
CA GLU C 13 35.63 57.67 -8.69
C GLU C 13 35.09 57.23 -10.06
N SER C 14 34.22 58.06 -10.67
CA SER C 14 33.55 57.74 -11.92
C SER C 14 34.42 57.93 -13.16
N MET C 15 35.36 58.86 -13.14
CA MET C 15 36.26 59.02 -14.29
C MET C 15 37.35 57.93 -14.12
N MET C 16 37.59 57.52 -12.87
CA MET C 16 38.46 56.38 -12.55
C MET C 16 37.86 55.28 -13.43
N GLN C 17 36.53 55.29 -13.60
CA GLN C 17 35.89 54.31 -14.48
C GLN C 17 36.19 54.52 -15.96
N GLN C 18 36.25 55.78 -16.45
CA GLN C 18 36.53 55.97 -17.88
C GLN C 18 37.91 55.51 -18.31
N ARG C 19 38.92 55.61 -17.45
CA ARG C 19 40.25 55.12 -17.81
C ARG C 19 40.34 53.61 -17.72
N VAL C 20 39.73 53.05 -16.70
CA VAL C 20 39.71 51.61 -16.53
C VAL C 20 38.99 50.92 -17.67
N ILE C 21 37.87 51.50 -18.14
CA ILE C 21 37.21 50.94 -19.31
C ILE C 21 38.19 50.94 -20.48
N GLN C 22 38.93 52.04 -20.64
CA GLN C 22 39.94 52.17 -21.71
C GLN C 22 41.09 51.17 -21.52
N ILE C 23 41.45 50.87 -20.27
CA ILE C 23 42.50 49.89 -20.07
C ILE C 23 42.01 48.47 -20.44
N ARG C 24 40.81 48.09 -20.03
CA ARG C 24 40.25 46.81 -20.46
C ARG C 24 40.11 46.76 -21.97
N SER C 25 40.00 47.94 -22.57
CA SER C 25 39.79 48.18 -23.99
C SER C 25 41.07 48.23 -24.81
N ILE C 26 42.24 48.22 -24.18
CA ILE C 26 43.47 48.23 -24.96
C ILE C 26 43.26 46.90 -25.64
N PRO C 27 43.23 46.88 -26.96
CA PRO C 27 42.92 45.63 -27.67
C PRO C 27 43.86 44.49 -27.25
N GLU C 28 43.23 43.35 -26.91
CA GLU C 28 43.91 42.16 -26.41
C GLU C 28 45.13 41.75 -27.26
N GLU C 29 45.09 41.94 -28.60
CA GLU C 29 46.20 41.50 -29.45
C GLU C 29 47.40 42.40 -29.39
N GLU C 30 47.42 43.34 -28.45
CA GLU C 30 48.56 44.23 -28.32
C GLU C 30 49.56 43.73 -27.28
N TYR C 31 49.14 42.79 -26.44
CA TYR C 31 49.95 42.19 -25.38
C TYR C 31 50.80 41.00 -25.87
N HIS C 32 50.75 40.69 -27.17
CA HIS C 32 51.37 39.49 -27.76
C HIS C 32 52.18 39.83 -28.98
N GLU C 33 51.92 40.96 -29.60
CA GLU C 33 52.64 41.45 -30.74
C GLU C 33 53.67 42.42 -30.25
N LEU C 34 54.77 42.48 -30.97
CA LEU C 34 55.88 43.34 -30.60
C LEU C 34 56.04 44.42 -31.67
N VAL C 35 56.26 45.67 -31.21
CA VAL C 35 56.54 46.84 -32.04
C VAL C 35 57.99 47.27 -31.86
N SER C 36 58.59 47.83 -32.92
CA SER C 36 59.94 48.37 -32.79
C SER C 36 59.88 49.84 -32.36
N VAL C 37 60.59 50.19 -31.27
CA VAL C 37 60.51 51.53 -30.66
C VAL C 37 61.79 51.92 -29.87
N GLN C 38 62.18 53.19 -29.90
CA GLN C 38 63.41 53.66 -29.19
C GLN C 38 63.19 54.77 -28.15
N PRO C 44 68.82 49.96 -29.39
CA PRO C 44 67.35 50.07 -29.49
C PRO C 44 66.55 48.90 -28.87
N ILE C 45 65.50 49.21 -28.01
CA ILE C 45 64.60 48.24 -27.38
C ILE C 45 63.42 47.94 -28.28
N GLN C 46 62.84 46.74 -28.11
CA GLN C 46 61.58 46.33 -28.73
C GLN C 46 60.52 46.18 -27.63
N VAL C 47 59.42 46.92 -27.72
CA VAL C 47 58.31 46.76 -26.79
C VAL C 47 57.12 46.17 -27.55
N SER C 48 56.12 45.70 -26.79
CA SER C 48 54.85 45.20 -27.34
C SER C 48 54.01 46.34 -27.90
N VAL C 49 53.09 45.97 -28.80
CA VAL C 49 52.28 46.97 -29.51
C VAL C 49 51.47 47.84 -28.54
N PHE C 50 51.01 47.28 -27.40
CA PHE C 50 50.22 48.05 -26.43
C PHE C 50 50.96 49.15 -25.64
N VAL C 51 52.29 49.04 -25.49
CA VAL C 51 53.07 50.00 -24.65
C VAL C 51 52.83 51.45 -25.07
N GLN C 52 52.82 51.72 -26.38
CA GLN C 52 52.69 53.04 -26.99
C GLN C 52 51.29 53.62 -26.84
N SER C 53 50.27 52.75 -26.96
CA SER C 53 48.87 53.06 -26.65
C SER C 53 48.75 53.35 -25.16
N ALA C 54 49.56 52.64 -24.37
CA ALA C 54 49.58 52.78 -22.91
C ALA C 54 49.93 54.20 -22.52
N ALA C 55 50.84 54.84 -23.27
CA ALA C 55 51.18 56.23 -23.01
C ALA C 55 49.92 57.10 -22.86
N LYS C 56 48.86 56.82 -23.63
CA LYS C 56 47.62 57.62 -23.59
C LYS C 56 46.85 57.55 -22.26
N VAL C 57 46.71 56.36 -21.65
CA VAL C 57 45.95 56.21 -20.39
C VAL C 57 46.48 57.13 -19.28
N PHE C 58 47.81 57.10 -19.00
CA PHE C 58 48.40 57.95 -17.95
C PHE C 58 48.58 59.39 -18.40
N THR C 59 48.66 59.67 -19.71
CA THR C 59 48.49 61.06 -20.11
C THR C 59 47.06 61.47 -19.77
N GLU C 60 46.10 60.61 -20.14
CA GLU C 60 44.68 60.82 -19.88
C GLU C 60 44.30 60.96 -18.39
N PHE C 61 45.07 60.41 -17.42
CA PHE C 61 44.74 60.64 -16.00
C PHE C 61 45.04 62.09 -15.65
N GLU C 62 46.19 62.61 -16.11
CA GLU C 62 46.45 64.04 -15.96
C GLU C 62 45.35 64.84 -16.65
N GLN C 63 44.97 64.43 -17.88
CA GLN C 63 43.88 65.02 -18.67
C GLN C 63 42.54 65.08 -17.92
N GLY C 64 42.20 64.03 -17.18
CA GLY C 64 40.94 64.00 -16.46
C GLY C 64 40.91 64.88 -15.22
N CYS C 65 42.11 65.19 -14.70
CA CYS C 65 42.28 66.05 -13.51
C CYS C 65 41.83 67.49 -13.83
N ASP C 66 42.01 67.95 -15.07
CA ASP C 66 41.60 69.33 -15.40
C ASP C 66 40.15 69.61 -15.02
N THR C 67 39.28 68.58 -14.98
CA THR C 67 37.88 68.88 -14.69
C THR C 67 37.59 69.24 -13.20
N ILE C 68 38.63 69.57 -12.39
CA ILE C 68 38.54 70.35 -11.13
C ILE C 68 39.93 70.62 -10.48
N GLY C 69 40.95 70.18 -11.25
CA GLY C 69 42.42 70.24 -11.07
C GLY C 69 42.95 69.69 -9.75
N ARG C 70 43.93 70.39 -9.17
CA ARG C 70 44.51 70.19 -7.80
C ARG C 70 43.76 71.11 -6.80
N SER C 71 44.30 71.45 -5.59
CA SER C 71 43.64 72.25 -4.54
C SER C 71 42.34 71.57 -4.11
N LYS C 72 41.46 71.28 -5.09
CA LYS C 72 40.26 70.48 -4.93
C LYS C 72 40.54 68.97 -4.99
N VAL C 73 41.77 68.59 -5.31
CA VAL C 73 42.17 67.19 -5.52
C VAL C 73 43.47 66.80 -4.78
N GLU C 74 44.28 67.77 -4.29
CA GLU C 74 45.64 67.56 -3.78
C GLU C 74 45.80 66.42 -2.76
N SER C 75 44.84 66.25 -1.82
CA SER C 75 44.98 65.31 -0.71
C SER C 75 44.92 63.80 -1.04
N ILE C 76 44.25 63.34 -2.11
CA ILE C 76 44.16 61.90 -2.43
C ILE C 76 44.88 61.53 -3.71
N TYR C 77 45.30 62.52 -4.51
CA TYR C 77 45.95 62.32 -5.80
C TYR C 77 46.99 61.22 -5.65
N LEU C 78 47.86 61.34 -4.64
CA LEU C 78 48.91 60.35 -4.49
C LEU C 78 48.28 59.01 -4.13
N TYR C 79 47.24 59.04 -3.31
CA TYR C 79 46.56 57.79 -3.06
C TYR C 79 45.98 57.29 -4.38
N LYS C 80 45.22 58.17 -5.06
CA LYS C 80 44.51 57.80 -6.29
C LYS C 80 45.46 57.52 -7.46
N PHE C 81 46.56 58.27 -7.58
CA PHE C 81 47.57 58.04 -8.61
C PHE C 81 48.31 56.72 -8.41
N ASN C 82 48.84 56.51 -7.20
CA ASN C 82 49.58 55.27 -6.92
C ASN C 82 48.65 54.07 -7.10
N LEU C 83 47.41 54.19 -6.64
CA LEU C 83 46.50 53.06 -6.74
C LEU C 83 46.29 52.69 -8.21
N LEU C 84 46.10 53.69 -9.09
CA LEU C 84 45.93 53.40 -10.52
C LEU C 84 47.17 52.80 -11.15
N GLN C 85 48.34 53.28 -10.77
CA GLN C 85 49.53 52.66 -11.29
C GLN C 85 49.57 51.19 -10.90
N THR C 86 49.15 50.89 -9.65
CA THR C 86 49.14 49.51 -9.15
C THR C 86 48.14 48.67 -9.92
N ALA C 87 46.96 49.22 -10.19
CA ALA C 87 45.93 48.45 -10.91
C ALA C 87 46.39 48.03 -12.29
N PHE C 88 46.87 48.98 -13.08
CA PHE C 88 47.30 48.59 -14.40
C PHE C 88 48.37 47.50 -14.38
N PHE C 89 49.35 47.66 -13.51
CA PHE C 89 50.49 46.76 -13.43
C PHE C 89 50.11 45.29 -13.26
N ALA C 90 49.21 44.99 -12.33
CA ALA C 90 48.81 43.60 -12.08
C ALA C 90 48.27 42.86 -13.28
N MET C 91 47.39 43.50 -14.04
CA MET C 91 46.73 42.80 -15.14
C MET C 91 47.58 42.32 -16.28
N VAL C 92 48.49 43.20 -16.71
CA VAL C 92 49.27 42.91 -17.90
C VAL C 92 50.22 41.73 -17.69
N SER C 93 50.51 41.37 -16.43
CA SER C 93 51.28 40.15 -16.19
C SER C 93 50.56 38.90 -16.73
N GLU C 94 49.22 38.86 -16.67
CA GLU C 94 48.45 37.68 -17.11
C GLU C 94 48.14 37.73 -18.59
N LYS C 95 48.34 38.89 -19.22
CA LYS C 95 48.04 39.07 -20.62
C LYS C 95 49.34 39.00 -21.42
N VAL C 96 50.49 39.40 -20.79
CA VAL C 96 51.82 39.37 -21.39
C VAL C 96 52.52 38.20 -20.71
N ASN C 97 52.53 37.08 -21.44
CA ASN C 97 53.08 35.80 -20.99
C ASN C 97 54.48 35.89 -20.37
N ASP C 98 55.45 36.37 -21.13
CA ASP C 98 56.84 36.22 -20.71
C ASP C 98 57.08 37.45 -19.83
N TRP C 99 57.23 37.19 -18.52
CA TRP C 99 57.45 38.27 -17.51
C TRP C 99 58.70 39.10 -17.86
N THR C 100 59.62 38.53 -18.64
CA THR C 100 60.86 39.25 -19.00
C THR C 100 60.57 40.14 -20.18
N GLN C 101 59.75 39.61 -21.09
CA GLN C 101 59.14 40.44 -22.10
C GLN C 101 58.35 41.52 -21.36
N LEU C 102 57.65 41.09 -20.29
CA LEU C 102 56.82 41.98 -19.45
C LEU C 102 57.70 43.05 -18.77
N TYR C 103 58.75 42.63 -18.07
CA TYR C 103 59.61 43.61 -17.39
C TYR C 103 60.15 44.71 -18.32
N LYS C 104 60.60 44.35 -19.54
CA LYS C 104 61.15 45.34 -20.46
C LYS C 104 60.16 46.43 -20.83
N ASP C 105 58.90 46.05 -21.06
CA ASP C 105 57.88 47.05 -21.36
C ASP C 105 57.73 48.04 -20.22
N VAL C 106 57.72 47.55 -18.98
CA VAL C 106 57.47 48.43 -17.83
C VAL C 106 58.59 49.43 -17.56
N ARG C 107 59.84 49.08 -17.81
CA ARG C 107 60.86 50.08 -17.59
C ARG C 107 60.79 51.15 -18.66
N TYR C 108 60.50 50.75 -19.90
CA TYR C 108 60.27 51.69 -21.00
C TYR C 108 59.14 52.69 -20.76
N LEU C 109 58.01 52.26 -20.17
CA LEU C 109 56.92 53.20 -19.88
C LEU C 109 57.32 54.24 -18.83
N TYR C 110 58.03 53.85 -17.78
CA TYR C 110 58.34 54.84 -16.75
C TYR C 110 59.65 55.60 -17.10
N THR C 111 60.22 55.33 -18.30
CA THR C 111 61.21 56.15 -19.03
C THR C 111 60.56 57.33 -19.76
N GLU C 112 59.42 57.03 -20.40
CA GLU C 112 58.66 57.99 -21.20
C GLU C 112 58.02 59.08 -20.32
N ASN C 113 57.63 58.76 -19.08
CA ASN C 113 56.94 59.67 -18.16
C ASN C 113 57.46 59.38 -16.75
N PRO C 114 58.52 60.07 -16.27
CA PRO C 114 59.06 59.70 -14.94
C PRO C 114 58.19 60.00 -13.70
N LYS C 115 56.88 60.31 -13.85
CA LYS C 115 55.93 60.41 -12.72
C LYS C 115 55.34 59.05 -12.22
N LEU C 116 55.61 57.92 -12.87
CA LEU C 116 54.99 56.63 -12.49
C LEU C 116 55.87 55.95 -11.44
N LEU C 117 55.90 56.58 -10.27
CA LEU C 117 56.73 56.18 -9.10
C LEU C 117 56.40 54.75 -8.62
N GLN C 118 55.13 54.50 -8.25
CA GLN C 118 54.82 53.17 -7.71
C GLN C 118 55.16 52.10 -8.76
N LEU C 119 54.85 52.41 -10.05
CA LEU C 119 55.03 51.50 -11.18
C LEU C 119 56.41 50.91 -11.30
N MET C 120 57.44 51.68 -10.98
CA MET C 120 58.82 51.21 -10.97
C MET C 120 59.15 50.34 -9.75
N GLU C 121 58.58 50.73 -8.60
CA GLU C 121 58.68 49.93 -7.38
C GLU C 121 58.12 48.54 -7.63
N LEU C 122 56.91 48.47 -8.19
CA LEU C 122 56.26 47.20 -8.52
C LEU C 122 57.16 46.41 -9.46
N ASN C 123 57.65 47.07 -10.52
CA ASN C 123 58.50 46.47 -11.54
C ASN C 123 59.87 46.02 -11.01
N SER C 124 60.54 46.88 -10.21
CA SER C 124 61.88 46.53 -9.72
C SER C 124 61.78 45.34 -8.75
N ARG C 125 60.79 45.38 -7.85
CA ARG C 125 60.44 44.24 -7.01
C ARG C 125 59.97 43.02 -7.83
N ARG C 126 59.32 43.24 -8.99
CA ARG C 126 58.93 42.11 -9.85
C ARG C 126 60.15 41.36 -10.33
N LEU C 127 61.14 42.11 -10.75
CA LEU C 127 62.46 41.60 -11.06
C LEU C 127 63.18 40.94 -9.86
N ASP C 128 63.21 41.62 -8.70
CA ASP C 128 63.93 41.08 -7.53
C ASP C 128 63.46 39.67 -7.28
N LEU C 129 62.15 39.51 -7.36
CA LEU C 129 61.48 38.22 -7.27
C LEU C 129 62.04 37.23 -8.26
N ASN C 130 62.05 37.62 -9.53
CA ASN C 130 62.40 36.70 -10.59
C ASN C 130 63.86 36.31 -10.45
N LEU C 131 64.66 37.23 -9.91
CA LEU C 131 66.04 36.90 -9.60
C LEU C 131 66.12 35.90 -8.47
N ASN C 132 65.40 36.17 -7.37
CA ASN C 132 65.37 35.24 -6.25
C ASN C 132 64.87 33.85 -6.66
N LEU C 133 63.90 33.81 -7.58
CA LEU C 133 63.39 32.51 -8.11
C LEU C 133 64.59 31.78 -8.72
N ILE C 134 65.34 32.47 -9.57
CA ILE C 134 66.54 31.95 -10.17
C ILE C 134 67.58 31.60 -9.10
N LYS C 135 67.72 32.45 -8.08
CA LYS C 135 68.64 32.15 -6.99
C LYS C 135 68.20 30.92 -6.17
N LYS C 136 66.92 30.85 -5.78
CA LYS C 136 66.41 29.73 -4.96
C LYS C 136 66.56 28.38 -5.65
N THR C 137 66.08 28.27 -6.90
CA THR C 137 66.27 27.04 -7.65
C THR C 137 67.76 26.65 -7.72
N ILE C 138 68.64 27.63 -7.97
CA ILE C 138 70.07 27.35 -8.06
C ILE C 138 70.70 27.07 -6.70
N TYR C 139 70.27 27.80 -5.67
CA TYR C 139 70.72 27.54 -4.32
C TYR C 139 70.46 26.09 -3.95
N LYS C 140 69.29 25.58 -4.33
CA LYS C 140 68.89 24.23 -3.96
C LYS C 140 69.80 23.19 -4.54
N LEU C 141 70.05 23.28 -5.85
CA LEU C 141 70.83 22.29 -6.57
C LEU C 141 72.26 22.16 -6.06
N VAL C 142 72.93 23.30 -5.86
CA VAL C 142 74.36 23.29 -5.56
C VAL C 142 74.68 22.62 -4.24
N ASN C 143 74.01 23.02 -3.15
CA ASN C 143 74.25 22.38 -1.85
C ASN C 143 73.90 20.91 -1.91
N ASP C 144 72.85 20.59 -2.63
CA ASP C 144 72.34 19.24 -2.78
C ASP C 144 73.35 18.39 -3.54
N GLN C 145 73.79 18.84 -4.71
CA GLN C 145 74.91 18.16 -5.31
C GLN C 145 76.04 18.11 -4.30
N LEU C 146 76.27 19.21 -3.60
CA LEU C 146 77.36 19.23 -2.63
C LEU C 146 76.95 18.33 -1.48
N GLN C 147 75.67 18.35 -1.15
CA GLN C 147 75.18 17.43 -0.13
C GLN C 147 75.31 16.01 -0.64
N GLU C 148 74.87 15.77 -1.87
CA GLU C 148 75.11 14.47 -2.51
C GLU C 148 76.57 14.05 -2.46
N LEU C 149 77.48 14.94 -2.84
CA LEU C 149 78.88 14.57 -2.78
C LEU C 149 79.21 14.13 -1.36
N LYS C 150 78.72 14.91 -0.39
CA LYS C 150 78.95 14.73 1.05
C LYS C 150 78.61 13.30 1.58
N ASP C 151 77.52 12.66 1.09
CA ASP C 151 77.05 11.39 1.69
C ASP C 151 77.70 10.12 1.13
N ASN C 152 78.26 10.20 -0.07
CA ASN C 152 78.90 9.10 -0.77
C ASN C 152 80.19 9.54 -1.46
N GLU C 153 81.19 10.00 -0.66
CA GLU C 153 82.50 10.42 -1.20
C GLU C 153 82.87 9.53 -2.36
N ARG C 154 82.73 8.22 -2.09
CA ARG C 154 83.28 7.14 -2.87
C ARG C 154 82.53 6.98 -4.19
N THR C 155 81.25 7.37 -4.22
CA THR C 155 80.34 7.08 -5.32
C THR C 155 79.35 8.23 -5.46
N PRO C 156 79.83 9.38 -5.91
CA PRO C 156 78.95 10.55 -5.92
C PRO C 156 77.97 10.37 -7.06
N ASP C 157 76.80 10.97 -6.91
CA ASP C 157 75.78 10.93 -7.96
C ASP C 157 76.04 12.26 -8.66
N TRP C 158 76.53 12.22 -9.90
CA TRP C 158 76.87 13.48 -10.53
C TRP C 158 75.68 14.04 -11.22
N ASP C 159 74.56 13.35 -11.07
CA ASP C 159 73.32 13.67 -11.76
C ASP C 159 72.83 15.08 -11.40
N ILE C 160 72.87 15.47 -10.11
CA ILE C 160 72.42 16.77 -9.60
C ILE C 160 72.87 17.90 -10.54
N THR C 161 74.12 17.83 -10.96
CA THR C 161 74.75 18.81 -11.82
C THR C 161 74.25 18.67 -13.25
N ILE C 162 74.25 17.42 -13.69
CA ILE C 162 74.19 17.01 -15.08
C ILE C 162 72.84 17.20 -15.76
N SER C 163 71.75 16.91 -15.08
CA SER C 163 70.50 17.00 -15.79
C SER C 163 69.75 18.26 -15.48
N SER C 164 70.03 18.85 -14.35
CA SER C 164 69.23 19.99 -14.00
C SER C 164 70.03 21.28 -13.88
N LEU C 165 71.09 21.33 -13.08
CA LEU C 165 71.71 22.63 -12.83
C LEU C 165 72.34 23.28 -14.07
N LEU C 166 73.31 22.63 -14.68
CA LEU C 166 73.89 23.20 -15.90
C LEU C 166 72.91 23.36 -17.05
N PRO C 167 72.12 22.35 -17.45
CA PRO C 167 71.12 22.61 -18.49
C PRO C 167 70.26 23.81 -18.11
N TYR C 168 69.87 23.92 -16.85
CA TYR C 168 69.21 25.15 -16.40
C TYR C 168 70.00 26.39 -16.79
N LEU C 169 71.26 26.44 -16.43
CA LEU C 169 72.01 27.64 -16.75
C LEU C 169 72.11 27.87 -18.24
N LYS C 170 72.62 26.88 -18.98
CA LYS C 170 72.92 27.06 -20.41
C LYS C 170 71.65 27.22 -21.27
N LYS C 171 70.65 26.37 -21.05
CA LYS C 171 69.45 26.37 -21.95
C LYS C 171 68.22 27.01 -21.28
N THR C 172 68.33 27.37 -20.00
CA THR C 172 67.23 27.98 -19.26
C THR C 172 67.59 29.24 -18.46
N ALA C 173 68.42 29.09 -17.44
CA ALA C 173 68.67 30.20 -16.53
C ALA C 173 69.23 31.40 -17.22
N LEU C 174 70.38 31.23 -17.80
CA LEU C 174 71.17 32.23 -18.47
C LEU C 174 70.54 32.82 -19.73
N PRO C 175 69.99 32.00 -20.65
CA PRO C 175 69.36 32.61 -21.84
C PRO C 175 68.21 33.52 -21.47
N THR C 176 67.49 33.18 -20.40
CA THR C 176 66.49 34.05 -19.80
C THR C 176 67.11 35.40 -19.44
N LEU C 177 68.25 35.37 -18.74
CA LEU C 177 68.93 36.59 -18.28
C LEU C 177 69.44 37.49 -19.43
N TYR C 178 69.76 36.91 -20.59
CA TYR C 178 70.09 37.70 -21.78
C TYR C 178 68.95 38.61 -22.21
N LYS C 179 67.73 38.06 -22.23
CA LYS C 179 66.55 38.84 -22.61
C LYS C 179 66.42 40.16 -21.84
N LEU C 180 66.77 40.18 -20.54
CA LEU C 180 66.66 41.42 -19.75
C LEU C 180 67.75 42.50 -20.02
N GLU C 181 68.88 42.20 -20.72
CA GLU C 181 69.89 43.21 -21.20
C GLU C 181 70.52 44.26 -20.25
N ASP C 182 70.99 43.90 -19.04
CA ASP C 182 71.51 44.98 -18.14
C ASP C 182 72.69 44.37 -17.38
N ASN C 183 73.89 44.45 -18.02
CA ASN C 183 75.17 43.81 -17.60
C ASN C 183 75.68 44.09 -16.19
N THR C 184 75.15 45.11 -15.54
CA THR C 184 75.46 45.37 -14.13
C THR C 184 74.92 44.27 -13.20
N ILE C 185 73.70 43.78 -13.51
CA ILE C 185 72.89 42.79 -12.79
C ILE C 185 73.39 41.35 -12.94
N LEU C 186 73.74 40.95 -14.17
CA LEU C 186 74.36 39.65 -14.44
C LEU C 186 75.61 39.52 -13.56
N VAL C 187 76.32 40.64 -13.36
CA VAL C 187 77.49 40.71 -12.48
C VAL C 187 77.05 40.42 -11.05
N ALA C 188 75.86 40.90 -10.68
CA ALA C 188 75.33 40.60 -9.36
C ALA C 188 74.92 39.13 -9.25
N LEU C 189 74.32 38.54 -10.29
CA LEU C 189 73.99 37.11 -10.25
C LEU C 189 75.21 36.17 -10.20
N ILE C 190 76.16 36.30 -11.16
CA ILE C 190 77.35 35.44 -11.17
C ILE C 190 78.10 35.58 -9.88
N ARG C 191 78.19 36.78 -9.39
CA ARG C 191 78.79 37.00 -8.11
C ARG C 191 78.04 36.20 -7.03
N TYR C 192 76.70 36.19 -7.07
CA TYR C 192 75.93 35.45 -6.05
C TYR C 192 76.31 33.96 -6.00
N ILE C 193 76.33 33.29 -7.15
CA ILE C 193 76.57 31.84 -7.15
C ILE C 193 77.95 31.50 -6.62
N VAL C 194 78.95 32.20 -7.13
CA VAL C 194 80.34 31.94 -6.80
C VAL C 194 80.63 32.26 -5.33
N HIS C 195 80.16 33.39 -4.84
CA HIS C 195 80.61 33.86 -3.53
C HIS C 195 79.72 33.34 -2.42
N ASP C 196 78.44 33.69 -2.49
CA ASP C 196 77.44 33.38 -1.47
C ASP C 196 76.95 31.94 -1.50
N LEU C 197 77.11 31.23 -2.62
CA LEU C 197 76.50 29.92 -2.72
C LEU C 197 77.56 28.83 -2.60
N VAL C 198 78.25 28.67 -3.71
CA VAL C 198 79.15 27.55 -3.82
C VAL C 198 80.25 27.60 -2.75
N ILE C 199 81.08 28.66 -2.77
CA ILE C 199 82.28 28.70 -1.93
C ILE C 199 81.95 28.70 -0.45
N ASP C 200 80.95 29.47 -0.05
CA ASP C 200 80.67 29.58 1.37
C ASP C 200 80.21 28.27 1.99
N ASN C 201 79.31 27.54 1.32
CA ASN C 201 78.91 26.28 1.91
C ASN C 201 80.16 25.43 2.07
N ILE C 202 81.00 25.42 1.03
CA ILE C 202 82.25 24.66 1.02
C ILE C 202 83.13 25.01 2.21
N LEU C 203 83.18 26.28 2.57
CA LEU C 203 83.97 26.65 3.73
C LEU C 203 83.41 26.15 5.06
N HIS C 204 82.10 25.92 5.11
CA HIS C 204 81.40 25.59 6.35
C HIS C 204 81.18 24.11 6.63
N TRP C 205 81.53 23.22 5.72
CA TRP C 205 81.58 21.81 6.05
C TRP C 205 82.51 21.62 7.23
N ARG C 206 82.31 20.52 7.95
CA ARG C 206 83.14 20.26 9.12
C ARG C 206 84.55 20.06 8.67
N VAL C 207 84.66 19.28 7.63
CA VAL C 207 85.92 18.95 7.00
C VAL C 207 85.47 18.69 5.58
N ILE C 208 86.42 18.78 4.67
CA ILE C 208 86.23 18.58 3.24
C ILE C 208 87.16 17.41 3.05
N SER C 209 86.59 16.21 2.90
CA SER C 209 87.50 15.11 2.93
C SER C 209 88.53 15.25 1.85
N GLU C 210 89.65 14.55 2.06
CA GLU C 210 90.73 14.51 1.05
C GLU C 210 90.10 14.02 -0.25
N LYS C 211 89.30 12.96 -0.17
CA LYS C 211 88.55 12.47 -1.34
C LYS C 211 87.41 13.39 -1.80
N SER C 212 86.65 13.97 -0.88
CA SER C 212 85.56 14.85 -1.30
C SER C 212 86.04 15.98 -2.18
N SER C 213 87.23 16.55 -1.90
CA SER C 213 87.75 17.69 -2.69
C SER C 213 87.87 17.39 -4.18
N GLU C 214 88.40 16.24 -4.55
CA GLU C 214 88.44 15.86 -5.96
C GLU C 214 87.06 15.67 -6.56
N ASN C 215 86.16 15.00 -5.83
CA ASN C 215 84.78 14.96 -6.28
C ASN C 215 84.34 16.38 -6.55
N LEU C 216 84.57 17.22 -5.54
CA LEU C 216 84.17 18.61 -5.60
C LEU C 216 84.90 19.28 -6.73
N SER C 217 86.14 18.84 -6.94
CA SER C 217 86.93 19.34 -8.03
C SER C 217 86.29 19.03 -9.40
N GLU C 218 85.79 17.80 -9.60
CA GLU C 218 85.09 17.47 -10.88
C GLU C 218 83.87 18.39 -11.08
N PHE C 219 83.08 18.59 -10.02
CA PHE C 219 81.86 19.42 -9.95
C PHE C 219 81.94 20.92 -10.30
N ILE C 220 82.72 21.68 -9.52
CA ILE C 220 82.79 23.17 -9.66
C ILE C 220 83.12 23.58 -11.11
N MET C 221 84.20 22.95 -11.61
CA MET C 221 84.75 23.13 -12.97
C MET C 221 83.59 22.95 -13.93
N LEU C 222 82.77 21.91 -13.70
CA LEU C 222 81.58 21.79 -14.47
C LEU C 222 80.80 23.09 -14.25
N LEU C 223 80.83 23.66 -13.02
CA LEU C 223 80.16 24.95 -12.75
C LEU C 223 80.71 26.09 -13.65
N LEU C 224 82.04 26.19 -13.71
CA LEU C 224 82.70 27.26 -14.51
C LEU C 224 82.18 27.14 -15.95
N SER C 225 82.26 25.94 -16.52
CA SER C 225 81.77 25.67 -17.86
C SER C 225 80.37 26.25 -18.13
N GLY C 226 79.47 26.23 -17.16
CA GLY C 226 78.14 26.77 -17.38
C GLY C 226 77.90 28.23 -16.97
N LEU C 227 78.88 28.88 -16.31
CA LEU C 227 78.82 30.28 -15.86
C LEU C 227 79.69 31.22 -16.70
N GLU C 228 80.10 30.78 -17.88
CA GLU C 228 80.97 31.56 -18.76
C GLU C 228 80.10 32.43 -19.67
N ILE C 229 80.19 33.74 -19.50
CA ILE C 229 79.36 34.65 -20.30
C ILE C 229 80.25 35.56 -21.11
N PRO C 230 80.53 35.13 -22.33
CA PRO C 230 81.59 35.77 -23.12
C PRO C 230 81.43 37.27 -23.25
N ARG C 231 80.17 37.75 -23.36
CA ARG C 231 79.95 39.19 -23.47
C ARG C 231 80.58 39.97 -22.28
N LEU C 232 80.85 39.28 -21.16
CA LEU C 232 81.32 39.94 -19.95
C LEU C 232 82.82 39.89 -19.75
N ASN C 233 83.61 39.33 -20.69
CA ASN C 233 85.04 39.29 -20.44
C ASN C 233 85.58 40.67 -20.16
N LEU C 234 84.71 41.65 -20.31
CA LEU C 234 85.00 43.06 -20.18
C LEU C 234 84.74 43.62 -18.76
N ILE C 235 83.84 42.98 -17.92
CA ILE C 235 83.51 43.35 -16.52
C ILE C 235 84.60 42.86 -15.54
N GLU C 236 85.01 43.69 -14.57
CA GLU C 236 86.13 43.29 -13.70
C GLU C 236 85.84 42.11 -12.75
N THR C 237 84.75 42.17 -11.99
CA THR C 237 84.44 41.11 -11.02
C THR C 237 84.01 39.82 -11.71
N TYR C 238 83.60 39.88 -13.00
CA TYR C 238 83.23 38.68 -13.74
C TYR C 238 84.47 37.84 -13.98
N ARG C 239 85.55 38.49 -14.34
CA ARG C 239 86.80 37.80 -14.56
C ARG C 239 87.41 37.38 -13.23
N HIS C 240 87.28 38.23 -12.18
CA HIS C 240 87.80 37.91 -10.85
C HIS C 240 87.09 36.75 -10.22
N SER C 241 85.81 36.59 -10.47
CA SER C 241 85.14 35.41 -9.98
C SER C 241 85.65 34.16 -10.69
N ARG C 242 85.81 34.24 -12.02
CA ARG C 242 86.21 33.05 -12.79
C ARG C 242 87.66 32.71 -12.57
N GLU C 243 88.48 33.71 -12.42
CA GLU C 243 89.85 33.42 -12.07
C GLU C 243 89.90 32.73 -10.71
N LYS C 244 89.20 33.33 -9.73
CA LYS C 244 89.17 32.80 -8.35
C LYS C 244 88.69 31.37 -8.27
N LEU C 245 87.55 31.10 -8.89
CA LEU C 245 87.13 29.72 -8.96
C LEU C 245 88.24 28.88 -9.60
N GLY C 246 88.86 29.39 -10.68
CA GLY C 246 89.90 28.61 -11.31
C GLY C 246 90.99 28.29 -10.31
N ILE C 247 91.22 29.22 -9.38
CA ILE C 247 92.20 29.09 -8.31
C ILE C 247 91.68 28.15 -7.22
N LEU C 248 90.37 28.17 -6.97
CA LEU C 248 89.80 27.27 -5.97
C LEU C 248 89.89 25.81 -6.33
N SER C 249 89.65 25.42 -7.56
CA SER C 249 89.84 24.02 -7.86
C SER C 249 91.27 23.60 -7.69
N LYS C 250 92.17 24.49 -8.07
CA LYS C 250 93.59 24.21 -7.97
C LYS C 250 94.01 24.01 -6.51
N ILE C 251 93.56 24.85 -5.58
CA ILE C 251 93.80 24.61 -4.14
C ILE C 251 93.41 23.19 -3.73
N LEU C 252 92.20 22.79 -4.13
CA LEU C 252 91.56 21.50 -3.83
C LEU C 252 92.33 20.21 -4.21
N THR C 253 93.22 20.19 -5.22
CA THR C 253 93.85 18.92 -5.63
C THR C 253 95.39 18.88 -5.54
N ALA C 254 96.01 19.71 -4.70
CA ALA C 254 97.48 19.81 -4.58
C ALA C 254 98.02 19.39 -3.22
N HIS C 255 99.23 18.81 -3.23
CA HIS C 255 99.92 18.58 -1.96
C HIS C 255 100.52 19.90 -1.47
N LEU C 256 100.84 19.88 -0.18
CA LEU C 256 101.18 21.12 0.51
C LEU C 256 102.22 22.01 -0.17
N LYS C 257 103.25 21.44 -0.79
CA LYS C 257 104.33 22.33 -1.27
C LYS C 257 103.89 23.31 -2.36
N ASP C 258 103.05 22.87 -3.30
CA ASP C 258 102.59 23.80 -4.30
C ASP C 258 101.78 24.95 -3.70
N ILE C 259 101.18 24.76 -2.53
CA ILE C 259 100.32 25.78 -1.96
C ILE C 259 101.06 27.04 -1.49
N LEU C 260 102.19 26.93 -0.77
CA LEU C 260 102.93 28.14 -0.38
C LEU C 260 103.48 28.88 -1.57
N GLU C 261 103.91 28.11 -2.55
CA GLU C 261 104.46 28.64 -3.77
C GLU C 261 103.56 29.68 -4.41
N MET C 262 102.25 29.41 -4.38
CA MET C 262 101.20 30.28 -4.98
C MET C 262 101.09 31.63 -4.25
N PHE C 263 100.89 31.61 -2.92
CA PHE C 263 100.79 32.77 -2.07
C PHE C 263 101.80 33.81 -2.45
N TYR C 264 103.07 33.43 -2.30
CA TYR C 264 104.19 34.27 -2.70
C TYR C 264 104.01 34.81 -4.11
N GLU C 265 103.45 34.01 -5.02
CA GLU C 265 103.21 34.45 -6.41
C GLU C 265 102.03 35.39 -6.53
N GLY C 266 101.48 35.83 -5.40
CA GLY C 266 100.36 36.71 -5.43
C GLY C 266 99.13 35.95 -5.82
N GLU C 267 99.27 34.64 -6.00
CA GLU C 267 98.19 33.83 -6.47
C GLU C 267 97.08 33.80 -5.42
N PHE C 268 97.40 34.20 -4.19
CA PHE C 268 96.38 34.40 -3.18
C PHE C 268 95.85 35.82 -3.21
N PHE C 269 96.00 36.49 -4.36
CA PHE C 269 95.43 37.82 -4.60
C PHE C 269 93.96 37.83 -4.20
N LEU C 270 93.23 36.76 -4.56
CA LEU C 270 91.76 36.67 -4.30
C LEU C 270 91.45 35.82 -3.06
N PHE C 271 92.41 35.66 -2.14
CA PHE C 271 92.22 34.92 -0.90
C PHE C 271 92.71 35.74 0.28
N GLU C 272 91.83 35.97 1.24
CA GLU C 272 92.22 36.58 2.49
C GLU C 272 93.12 35.63 3.26
N THR C 273 94.03 36.22 4.05
CA THR C 273 94.81 35.38 4.91
C THR C 273 93.87 34.54 5.74
N ASP C 274 92.76 35.17 6.16
CA ASP C 274 91.73 34.47 6.92
C ASP C 274 91.25 33.26 6.13
N GLU C 275 90.94 33.51 4.86
CA GLU C 275 90.49 32.52 3.89
C GLU C 275 91.61 31.58 3.50
N ILE C 276 92.82 32.10 3.42
CA ILE C 276 93.92 31.25 3.03
C ILE C 276 94.17 30.20 4.10
N VAL C 277 94.24 30.62 5.36
CA VAL C 277 94.48 29.70 6.47
C VAL C 277 93.33 28.75 6.69
N GLN C 278 92.11 29.29 6.58
CA GLN C 278 90.87 28.49 6.77
C GLN C 278 90.84 27.38 5.72
N TRP C 279 91.30 27.68 4.49
CA TRP C 279 91.34 26.69 3.39
C TRP C 279 92.41 25.65 3.74
N ILE C 280 93.40 26.08 4.53
CA ILE C 280 94.47 25.23 5.00
C ILE C 280 93.98 24.39 6.16
N ILE C 281 93.17 25.01 7.00
CA ILE C 281 92.63 24.33 8.17
C ILE C 281 91.63 23.25 7.81
N LEU C 282 90.79 23.47 6.78
CA LEU C 282 89.76 22.49 6.45
C LEU C 282 90.25 21.21 5.76
N LEU C 283 91.30 21.25 4.94
CA LEU C 283 91.50 20.12 4.03
C LEU C 283 92.54 19.08 4.48
N PHE C 284 93.46 19.43 5.35
CA PHE C 284 94.61 18.60 5.74
C PHE C 284 94.76 18.59 7.24
N ALA C 285 95.33 17.49 7.74
CA ALA C 285 95.56 17.26 9.16
C ALA C 285 96.67 18.12 9.79
N ASP C 286 96.56 18.34 11.13
CA ASP C 286 97.50 19.13 11.93
C ASP C 286 98.92 18.59 11.98
N THR C 287 99.85 19.43 11.53
CA THR C 287 101.29 19.23 11.56
C THR C 287 101.93 20.60 11.65
N PRO C 288 103.15 20.70 12.17
CA PRO C 288 104.01 21.84 11.83
C PRO C 288 104.02 22.18 10.33
N THR C 289 103.98 21.19 9.43
CA THR C 289 104.06 21.48 7.99
C THR C 289 102.98 22.47 7.58
N ARG C 290 101.75 22.21 8.06
CA ARG C 290 100.64 23.12 7.86
C ARG C 290 100.92 24.42 8.62
N ARG C 291 101.56 24.30 9.80
CA ARG C 291 102.00 25.40 10.68
C ARG C 291 103.01 26.35 10.02
N ASP C 292 104.15 25.83 9.50
CA ASP C 292 105.18 26.72 8.93
C ASP C 292 104.62 27.51 7.79
N CYS C 293 103.90 26.81 6.94
CA CYS C 293 103.22 27.42 5.82
C CYS C 293 102.17 28.46 6.27
N ILE C 294 101.31 28.12 7.27
CA ILE C 294 100.24 29.04 7.73
C ILE C 294 100.80 30.32 8.37
N ASP C 295 101.72 30.20 9.33
CA ASP C 295 102.30 31.40 9.93
C ASP C 295 103.08 32.20 8.92
N GLU C 296 103.56 31.51 7.88
CA GLU C 296 104.36 32.15 6.80
C GLU C 296 103.43 33.06 5.98
N ILE C 297 102.27 32.54 5.60
CA ILE C 297 101.31 33.35 4.84
C ILE C 297 100.77 34.52 5.66
N ARG C 298 100.39 34.27 6.93
CA ARG C 298 99.85 35.37 7.73
C ARG C 298 100.94 36.40 8.03
N ARG C 299 102.20 35.95 8.14
CA ARG C 299 103.35 36.80 8.48
C ARG C 299 103.86 37.57 7.25
N VAL C 300 103.94 36.92 6.08
CA VAL C 300 104.36 37.64 4.88
C VAL C 300 103.27 38.64 4.53
N ARG C 301 102.02 38.24 4.78
CA ARG C 301 100.86 39.14 4.75
C ARG C 301 101.01 40.23 5.81
N GLU C 302 101.63 39.90 6.96
CA GLU C 302 101.89 40.85 8.06
C GLU C 302 102.92 41.94 7.67
N GLU C 303 104.06 41.51 7.11
CA GLU C 303 105.16 42.42 6.73
C GLU C 303 104.82 43.44 5.63
N ALA C 304 104.24 42.97 4.51
CA ALA C 304 103.81 43.78 3.32
C ALA C 304 103.44 45.25 3.55
#